data_5CDE
#
_entry.id   5CDE
#
_cell.length_a   81.088
_cell.length_b   101.947
_cell.length_c   111.509
_cell.angle_alpha   90.000
_cell.angle_beta   90.000
_cell.angle_gamma   90.000
#
_symmetry.space_group_name_H-M   'P 21 21 21'
#
loop_
_entity.id
_entity.type
_entity.pdbx_description
1 polymer 'Proline dipeptidase'
2 non-polymer 'SULFATE ION'
3 non-polymer 'ZINC ION'
4 water water
#
_entity_poly.entity_id   1
_entity_poly.type   'polypeptide(L)'
_entity_poly.pdbx_seq_one_letter_code
;STQIGGMSLDQARTQLAPWTQRAAPIGADEYQQRIERARVLMRAQGVDALLIGAGTSLRYFSGVPWGASERLVALLLTTE
GDPVLICPAFEEGSLDAVLQLPVRKRLWEEHEDPYALVVQAMDEQHAHALALDPGIAFAVHTGLRAHLGTAIRDAGAIID
GCRMCKSPAELALMQQACDMTLLVQRLAAGIAHEGIGTDQLVRFIDEAHRALGADNGSTFCIVQFGHATAFPHGIPGVQH
LRAGELVLIDTGCTVQGYHSDITRTWIYGTPSDAQQRIWELELAAQAAAFAAVRPGVACEAVDQAARAVLQAAGLGPDYR
LPGLPHRTGHGCGLAIHEAPYLVRGNRQPLQPGMCASNEPMIVVPGAFGVALEDHFYVTDTGAQWFTPPSVAIDQPFA
;
_entity_poly.pdbx_strand_id   A,B
#
loop_
_chem_comp.id
_chem_comp.type
_chem_comp.name
_chem_comp.formula
SO4 non-polymer 'SULFATE ION' 'O4 S -2'
ZN non-polymer 'ZINC ION' 'Zn 2'
#
# COMPACT_ATOMS: atom_id res chain seq x y z
N SER A 1 -6.40 30.86 22.94
CA SER A 1 -5.09 30.28 22.70
C SER A 1 -4.88 29.01 23.54
N THR A 2 -5.97 28.37 23.92
CA THR A 2 -5.90 27.26 24.87
C THR A 2 -5.70 25.89 24.21
N GLN A 3 -5.63 25.86 22.89
CA GLN A 3 -5.59 24.58 22.17
C GLN A 3 -4.21 24.26 21.63
N ILE A 4 -3.40 25.30 21.46
CA ILE A 4 -2.06 25.13 20.90
C ILE A 4 -0.98 25.25 21.98
N GLY A 5 -0.25 24.16 22.20
CA GLY A 5 0.95 24.17 23.01
C GLY A 5 0.86 23.86 24.50
N GLY A 6 -0.32 23.94 25.09
CA GLY A 6 -0.41 23.92 26.55
C GLY A 6 -0.16 22.61 27.28
N MET A 7 0.23 21.58 26.54
CA MET A 7 0.13 20.21 27.05
C MET A 7 1.42 19.38 26.92
N SER A 8 1.72 18.61 27.97
CA SER A 8 2.86 17.70 27.96
C SER A 8 2.46 16.32 27.47
N LEU A 9 3.44 15.46 27.25
CA LEU A 9 3.22 14.20 26.53
C LEU A 9 2.41 13.19 27.33
N ASP A 10 2.83 12.85 28.55
CA ASP A 10 2.08 11.86 29.30
C ASP A 10 0.75 12.47 29.78
N GLN A 11 0.68 13.79 29.76
CA GLN A 11 -0.58 14.50 29.93
C GLN A 11 -1.52 14.22 28.77
N ALA A 12 -0.97 14.25 27.56
CA ALA A 12 -1.73 13.85 26.39
C ALA A 12 -2.16 12.39 26.52
N ARG A 13 -1.22 11.55 26.96
CA ARG A 13 -1.46 10.10 27.02
C ARG A 13 -2.60 9.71 27.97
N THR A 14 -2.95 10.60 28.89
CA THR A 14 -4.05 10.32 29.82
C THR A 14 -5.41 10.44 29.13
N GLN A 15 -5.42 10.94 27.90
CA GLN A 15 -6.66 11.05 27.14
C GLN A 15 -6.69 10.02 26.02
N LEU A 16 -5.90 8.96 26.14
CA LEU A 16 -5.73 8.00 25.07
C LEU A 16 -6.22 6.57 25.40
N ALA A 17 -7.28 6.45 26.18
CA ALA A 17 -7.89 5.15 26.42
C ALA A 17 -8.53 4.64 25.14
N PRO A 18 -8.73 3.32 25.01
CA PRO A 18 -9.46 2.78 23.85
C PRO A 18 -10.84 3.44 23.69
N TRP A 19 -11.20 3.72 22.44
CA TRP A 19 -12.47 4.34 22.11
C TRP A 19 -13.64 3.52 22.63
N THR A 20 -14.64 4.18 23.21
CA THR A 20 -15.83 3.48 23.66
C THR A 20 -17.02 3.80 22.76
N GLN A 21 -18.09 3.01 22.91
CA GLN A 21 -19.26 3.13 22.05
C GLN A 21 -18.83 3.05 20.59
N ARG A 22 -17.98 2.05 20.31
CA ARG A 22 -17.56 1.72 18.95
C ARG A 22 -18.75 1.47 18.05
N ALA A 23 -18.62 1.84 16.77
CA ALA A 23 -19.65 1.53 15.79
C ALA A 23 -19.65 0.04 15.45
N ALA A 24 -20.83 -0.50 15.18
CA ALA A 24 -20.99 -1.90 14.81
C ALA A 24 -20.32 -2.21 13.46
N PRO A 25 -19.72 -3.41 13.36
CA PRO A 25 -19.17 -3.84 12.07
C PRO A 25 -20.29 -4.15 11.08
N ILE A 26 -19.97 -4.08 9.79
CA ILE A 26 -20.91 -4.41 8.73
C ILE A 26 -21.37 -5.86 8.84
N GLY A 27 -22.68 -6.07 8.79
CA GLY A 27 -23.25 -7.39 9.00
C GLY A 27 -23.46 -8.18 7.71
N ALA A 28 -23.76 -9.46 7.85
CA ALA A 28 -23.92 -10.35 6.69
C ALA A 28 -25.00 -9.85 5.74
N ASP A 29 -26.13 -9.37 6.27
CA ASP A 29 -27.22 -8.89 5.41
C ASP A 29 -26.78 -7.71 4.53
N GLU A 30 -25.97 -6.81 5.06
CA GLU A 30 -25.50 -5.68 4.26
C GLU A 30 -24.56 -6.10 3.12
N TYR A 31 -23.69 -7.07 3.36
CA TYR A 31 -22.88 -7.59 2.27
C TYR A 31 -23.77 -8.10 1.13
N GLN A 32 -24.85 -8.81 1.48
CA GLN A 32 -25.75 -9.35 0.47
C GLN A 32 -26.44 -8.21 -0.28
N GLN A 33 -26.83 -7.17 0.45
CA GLN A 33 -27.43 -5.98 -0.18
C GLN A 33 -26.49 -5.34 -1.19
N ARG A 34 -25.19 -5.38 -0.91
CA ARG A 34 -24.19 -4.80 -1.81
C ARG A 34 -24.03 -5.64 -3.08
N ILE A 35 -23.94 -6.96 -2.90
CA ILE A 35 -23.96 -7.89 -4.03
C ILE A 35 -25.17 -7.67 -4.95
N GLU A 36 -26.35 -7.55 -4.35
CA GLU A 36 -27.58 -7.38 -5.12
C GLU A 36 -27.58 -6.04 -5.86
N ARG A 37 -27.06 -5.01 -5.20
CA ARG A 37 -26.94 -3.72 -5.84
C ARG A 37 -26.02 -3.80 -7.05
N ALA A 38 -24.89 -4.52 -6.88
CA ALA A 38 -23.93 -4.62 -7.97
C ALA A 38 -24.61 -5.29 -9.16
N ARG A 39 -25.44 -6.28 -8.87
CA ARG A 39 -26.18 -7.01 -9.89
C ARG A 39 -27.15 -6.13 -10.64
N VAL A 40 -27.78 -5.17 -9.95
CA VAL A 40 -28.63 -4.23 -10.64
C VAL A 40 -27.80 -3.39 -11.60
N LEU A 41 -26.66 -2.90 -11.13
CA LEU A 41 -25.84 -2.01 -11.96
C LEU A 41 -25.16 -2.76 -13.10
N MET A 42 -24.80 -4.03 -12.87
CA MET A 42 -24.36 -4.92 -13.96
C MET A 42 -25.43 -5.04 -15.07
N ARG A 43 -26.67 -5.35 -14.68
CA ARG A 43 -27.74 -5.41 -15.65
C ARG A 43 -27.91 -4.09 -16.39
N ALA A 44 -27.74 -2.99 -15.67
CA ALA A 44 -27.90 -1.67 -16.28
C ALA A 44 -26.85 -1.43 -17.36
N GLN A 45 -25.64 -1.94 -17.15
CA GLN A 45 -24.57 -1.68 -18.10
C GLN A 45 -24.39 -2.80 -19.13
N GLY A 46 -25.23 -3.83 -19.05
CA GLY A 46 -25.18 -4.92 -20.03
C GLY A 46 -24.04 -5.87 -19.75
N VAL A 47 -23.71 -6.01 -18.47
CA VAL A 47 -22.60 -6.82 -18.03
C VAL A 47 -23.16 -8.02 -17.29
N ASP A 48 -22.58 -9.20 -17.51
CA ASP A 48 -23.11 -10.38 -16.83
C ASP A 48 -22.06 -11.04 -15.94
N ALA A 49 -20.87 -10.46 -15.87
CA ALA A 49 -19.86 -10.96 -14.96
C ALA A 49 -19.01 -9.80 -14.45
N LEU A 50 -18.70 -9.84 -13.17
CA LEU A 50 -17.95 -8.77 -12.53
C LEU A 50 -16.78 -9.36 -11.73
N LEU A 51 -15.56 -8.94 -12.03
CA LEU A 51 -14.39 -9.44 -11.30
C LEU A 51 -13.82 -8.36 -10.40
N ILE A 52 -13.83 -8.63 -9.11
CA ILE A 52 -13.35 -7.70 -8.11
C ILE A 52 -12.02 -8.20 -7.57
N GLY A 53 -10.96 -7.39 -7.63
CA GLY A 53 -9.66 -7.79 -7.11
C GLY A 53 -9.49 -7.48 -5.63
N ALA A 54 -8.56 -8.18 -4.98
CA ALA A 54 -8.19 -7.91 -3.58
C ALA A 54 -7.93 -6.42 -3.38
N GLY A 55 -8.44 -5.86 -2.30
CA GLY A 55 -8.38 -4.41 -2.10
C GLY A 55 -9.68 -3.92 -1.50
N THR A 56 -9.89 -2.61 -1.56
CA THR A 56 -11.06 -2.03 -0.91
C THR A 56 -12.36 -2.56 -1.49
N SER A 57 -12.38 -2.84 -2.79
CA SER A 57 -13.61 -3.36 -3.38
C SER A 57 -13.89 -4.81 -2.99
N LEU A 58 -12.85 -5.64 -2.87
CA LEU A 58 -13.09 -7.01 -2.38
C LEU A 58 -13.58 -6.94 -0.94
N ARG A 59 -13.01 -6.03 -0.16
CA ARG A 59 -13.44 -5.88 1.22
C ARG A 59 -14.89 -5.44 1.27
N TYR A 60 -15.24 -4.49 0.42
CA TYR A 60 -16.61 -3.99 0.33
C TYR A 60 -17.63 -5.10 0.05
N PHE A 61 -17.30 -6.01 -0.87
CA PHE A 61 -18.28 -7.00 -1.28
C PHE A 61 -18.22 -8.29 -0.46
N SER A 62 -17.08 -8.59 0.15
CA SER A 62 -16.92 -9.90 0.79
C SER A 62 -16.41 -9.86 2.21
N GLY A 63 -15.84 -8.74 2.61
CA GLY A 63 -15.22 -8.67 3.92
C GLY A 63 -13.71 -8.93 3.96
N VAL A 64 -13.17 -9.53 2.91
CA VAL A 64 -11.74 -9.84 2.86
C VAL A 64 -10.91 -8.57 2.79
N PRO A 65 -10.03 -8.35 3.77
CA PRO A 65 -9.36 -7.05 3.92
C PRO A 65 -7.96 -7.01 3.31
N TRP A 66 -7.52 -8.14 2.76
CA TRP A 66 -6.16 -8.25 2.25
C TRP A 66 -5.82 -7.21 1.18
N GLY A 67 -4.60 -6.67 1.23
CA GLY A 67 -4.07 -5.94 0.10
C GLY A 67 -3.77 -6.86 -1.07
N ALA A 68 -3.76 -6.30 -2.28
CA ALA A 68 -3.48 -7.05 -3.50
C ALA A 68 -2.03 -7.49 -3.56
N SER A 69 -1.78 -8.67 -4.13
CA SER A 69 -0.41 -9.11 -4.38
C SER A 69 -0.32 -9.57 -5.81
N GLU A 70 0.81 -10.19 -6.16
CA GLU A 70 1.02 -10.72 -7.48
C GLU A 70 0.12 -11.93 -7.70
N ARG A 71 -0.36 -12.53 -6.60
CA ARG A 71 -1.25 -13.69 -6.69
C ARG A 71 -2.73 -13.27 -6.78
N LEU A 72 -3.46 -13.72 -7.81
CA LEU A 72 -4.88 -13.36 -7.92
C LEU A 72 -5.76 -13.89 -6.77
N VAL A 73 -6.38 -12.95 -6.05
CA VAL A 73 -7.43 -13.22 -5.07
C VAL A 73 -8.57 -12.32 -5.52
N ALA A 74 -9.71 -12.91 -5.89
CA ALA A 74 -10.74 -12.09 -6.53
C ALA A 74 -12.12 -12.70 -6.38
N LEU A 75 -13.12 -11.85 -6.48
CA LEU A 75 -14.50 -12.26 -6.44
C LEU A 75 -15.10 -12.15 -7.83
N LEU A 76 -15.69 -13.24 -8.33
CA LEU A 76 -16.37 -13.20 -9.62
C LEU A 76 -17.85 -13.27 -9.36
N LEU A 77 -18.51 -12.13 -9.50
CA LEU A 77 -19.95 -12.07 -9.34
C LEU A 77 -20.63 -12.23 -10.69
N THR A 78 -21.57 -13.17 -10.77
CA THR A 78 -22.37 -13.33 -11.98
C THR A 78 -23.84 -13.04 -11.65
N THR A 79 -24.75 -13.27 -12.60
CA THR A 79 -26.15 -12.86 -12.44
C THR A 79 -26.88 -13.61 -11.33
N GLU A 80 -26.48 -14.84 -11.04
CA GLU A 80 -27.14 -15.62 -9.99
C GLU A 80 -26.20 -16.61 -9.30
N GLY A 81 -26.58 -17.02 -8.10
CA GLY A 81 -25.82 -17.97 -7.32
C GLY A 81 -24.75 -17.30 -6.48
N ASP A 82 -24.19 -18.05 -5.53
CA ASP A 82 -23.12 -17.52 -4.71
C ASP A 82 -21.95 -17.14 -5.61
N PRO A 83 -21.36 -15.97 -5.39
CA PRO A 83 -20.24 -15.57 -6.24
C PRO A 83 -19.02 -16.48 -6.05
N VAL A 84 -18.17 -16.54 -7.06
CA VAL A 84 -16.99 -17.39 -7.01
C VAL A 84 -15.86 -16.60 -6.35
N LEU A 85 -15.11 -17.25 -5.46
CA LEU A 85 -13.93 -16.61 -4.91
C LEU A 85 -12.70 -17.37 -5.36
N ILE A 86 -11.93 -16.73 -6.22
CA ILE A 86 -10.67 -17.25 -6.74
C ILE A 86 -9.55 -16.90 -5.75
N CYS A 87 -8.77 -17.90 -5.36
CA CYS A 87 -7.82 -17.71 -4.25
C CYS A 87 -6.76 -18.78 -4.29
N PRO A 88 -5.50 -18.42 -3.95
CA PRO A 88 -4.44 -19.43 -3.83
C PRO A 88 -4.85 -20.52 -2.85
N ALA A 89 -4.60 -21.77 -3.19
CA ALA A 89 -5.01 -22.87 -2.33
C ALA A 89 -4.35 -22.78 -0.94
N PHE A 90 -3.12 -22.29 -0.83
CA PHE A 90 -2.47 -22.29 0.49
C PHE A 90 -3.10 -21.26 1.43
N GLU A 91 -3.93 -20.39 0.89
CA GLU A 91 -4.55 -19.31 1.65
C GLU A 91 -5.99 -19.62 2.10
N GLU A 92 -6.48 -20.82 1.81
CA GLU A 92 -7.87 -21.15 2.10
C GLU A 92 -8.23 -20.92 3.57
N GLY A 93 -7.38 -21.38 4.47
CA GLY A 93 -7.61 -21.21 5.90
C GLY A 93 -7.69 -19.77 6.38
N SER A 94 -6.76 -18.95 5.90
CA SER A 94 -6.79 -17.52 6.22
C SER A 94 -8.03 -16.90 5.61
N LEU A 95 -8.37 -17.36 4.41
CA LEU A 95 -9.54 -16.83 3.71
C LEU A 95 -10.83 -17.07 4.49
N ASP A 96 -11.06 -18.33 4.87
CA ASP A 96 -12.23 -18.69 5.66
C ASP A 96 -12.37 -17.84 6.93
N ALA A 97 -11.24 -17.43 7.50
CA ALA A 97 -11.24 -16.68 8.75
C ALA A 97 -11.71 -15.23 8.59
N VAL A 98 -11.71 -14.72 7.36
CA VAL A 98 -12.09 -13.33 7.12
C VAL A 98 -13.33 -13.13 6.25
N LEU A 99 -13.75 -14.17 5.52
CA LEU A 99 -14.93 -14.06 4.64
C LEU A 99 -16.21 -13.75 5.40
N GLN A 100 -16.98 -12.78 4.90
CA GLN A 100 -18.27 -12.40 5.51
C GLN A 100 -19.43 -12.69 4.56
N LEU A 101 -19.11 -13.26 3.41
CA LEU A 101 -20.09 -13.53 2.37
C LEU A 101 -19.98 -14.99 1.96
N PRO A 102 -21.11 -15.69 1.81
CA PRO A 102 -20.99 -17.04 1.28
C PRO A 102 -20.50 -17.02 -0.14
N VAL A 103 -19.55 -17.89 -0.48
CA VAL A 103 -18.99 -17.92 -1.82
C VAL A 103 -18.76 -19.35 -2.27
N ARG A 104 -18.44 -19.50 -3.55
CA ARG A 104 -17.93 -20.77 -4.04
C ARG A 104 -16.43 -20.66 -4.30
N LYS A 105 -15.65 -21.29 -3.43
CA LYS A 105 -14.20 -21.19 -3.54
C LYS A 105 -13.71 -21.93 -4.78
N ARG A 106 -12.93 -21.23 -5.60
CA ARG A 106 -12.20 -21.86 -6.68
C ARG A 106 -10.73 -21.63 -6.39
N LEU A 107 -10.06 -22.67 -5.93
CA LEU A 107 -8.70 -22.53 -5.44
C LEU A 107 -7.71 -22.95 -6.50
N TRP A 108 -6.62 -22.20 -6.62
CA TRP A 108 -5.54 -22.57 -7.52
C TRP A 108 -4.21 -22.80 -6.82
N GLU A 109 -3.49 -23.83 -7.26
CA GLU A 109 -2.15 -24.14 -6.75
C GLU A 109 -1.14 -23.23 -7.47
N GLU A 110 0.08 -23.14 -6.95
CA GLU A 110 0.99 -22.05 -7.35
C GLU A 110 1.33 -22.01 -8.84
N HIS A 111 1.40 -23.17 -9.46
CA HIS A 111 1.81 -23.23 -10.86
C HIS A 111 0.62 -23.16 -11.79
N GLU A 112 -0.58 -23.17 -11.23
CA GLU A 112 -1.79 -23.16 -12.05
C GLU A 112 -2.21 -21.76 -12.46
N ASP A 113 -2.97 -21.66 -13.56
CA ASP A 113 -3.38 -20.39 -14.13
C ASP A 113 -4.71 -19.91 -13.54
N PRO A 114 -4.65 -18.90 -12.66
CA PRO A 114 -5.89 -18.47 -11.99
C PRO A 114 -6.82 -17.73 -12.95
N TYR A 115 -6.28 -17.22 -14.05
CA TYR A 115 -7.10 -16.49 -15.02
C TYR A 115 -7.95 -17.48 -15.80
N ALA A 116 -7.39 -18.65 -16.06
CA ALA A 116 -8.15 -19.76 -16.63
C ALA A 116 -9.34 -20.10 -15.75
N LEU A 117 -9.15 -20.06 -14.42
CA LEU A 117 -10.25 -20.36 -13.50
C LEU A 117 -11.38 -19.34 -13.66
N VAL A 118 -11.01 -18.06 -13.79
CA VAL A 118 -12.01 -17.02 -13.92
C VAL A 118 -12.89 -17.27 -15.14
N VAL A 119 -12.28 -17.56 -16.29
CA VAL A 119 -13.04 -17.76 -17.52
C VAL A 119 -13.84 -19.08 -17.49
N GLN A 120 -13.27 -20.09 -16.86
CA GLN A 120 -13.97 -21.35 -16.69
C GLN A 120 -15.26 -21.10 -15.90
N ALA A 121 -15.17 -20.27 -14.87
CA ALA A 121 -16.34 -19.96 -14.06
C ALA A 121 -17.35 -19.14 -14.87
N MET A 122 -16.85 -18.28 -15.75
CA MET A 122 -17.70 -17.50 -16.64
C MET A 122 -18.45 -18.42 -17.60
N ASP A 123 -17.74 -19.37 -18.20
CA ASP A 123 -18.35 -20.30 -19.15
C ASP A 123 -19.39 -21.18 -18.49
N GLU A 124 -19.13 -21.58 -17.24
CA GLU A 124 -20.05 -22.40 -16.48
C GLU A 124 -21.41 -21.74 -16.37
N GLN A 125 -21.43 -20.42 -16.30
CA GLN A 125 -22.70 -19.70 -16.19
C GLN A 125 -23.07 -18.98 -17.48
N HIS A 126 -22.37 -19.31 -18.56
CA HIS A 126 -22.60 -18.68 -19.86
C HIS A 126 -22.51 -17.15 -19.77
N ALA A 127 -21.56 -16.66 -18.98
CA ALA A 127 -21.27 -15.24 -18.97
C ALA A 127 -20.29 -14.92 -20.09
N HIS A 128 -20.55 -13.84 -20.81
CA HIS A 128 -19.68 -13.46 -21.92
C HIS A 128 -19.40 -11.95 -21.98
N ALA A 129 -19.80 -11.23 -20.93
CA ALA A 129 -19.57 -9.79 -20.88
C ALA A 129 -19.03 -9.38 -19.53
N LEU A 130 -17.71 -9.46 -19.39
CA LEU A 130 -17.05 -9.15 -18.13
C LEU A 130 -16.83 -7.66 -17.95
N ALA A 131 -17.04 -7.18 -16.73
CA ALA A 131 -16.49 -5.90 -16.30
C ALA A 131 -15.41 -6.14 -15.27
N LEU A 132 -14.27 -5.49 -15.44
CA LEU A 132 -13.09 -5.74 -14.62
C LEU A 132 -12.80 -4.53 -13.72
N ASP A 133 -12.60 -4.81 -12.43
CA ASP A 133 -12.15 -3.88 -11.40
C ASP A 133 -11.02 -2.93 -11.86
N PRO A 134 -11.29 -1.62 -11.89
CA PRO A 134 -10.30 -0.62 -12.33
C PRO A 134 -9.12 -0.49 -11.37
N GLY A 135 -9.29 -0.98 -10.14
CA GLY A 135 -8.20 -1.03 -9.18
C GLY A 135 -7.28 -2.24 -9.29
N ILE A 136 -7.68 -3.25 -10.06
CA ILE A 136 -6.86 -4.46 -10.17
C ILE A 136 -5.64 -4.19 -11.06
N ALA A 137 -4.55 -4.94 -10.86
CA ALA A 137 -3.36 -4.71 -11.68
C ALA A 137 -3.63 -4.99 -13.16
N PHE A 138 -3.01 -4.20 -14.03
CA PHE A 138 -3.08 -4.44 -15.49
C PHE A 138 -2.69 -5.87 -15.89
N ALA A 139 -1.76 -6.44 -15.15
CA ALA A 139 -1.36 -7.85 -15.34
C ALA A 139 -2.54 -8.80 -15.39
N VAL A 140 -3.61 -8.49 -14.65
CA VAL A 140 -4.80 -9.34 -14.66
C VAL A 140 -5.53 -9.30 -16.00
N HIS A 141 -5.58 -8.11 -16.61
CA HIS A 141 -6.12 -7.98 -17.95
C HIS A 141 -5.31 -8.85 -18.91
N THR A 142 -3.98 -8.75 -18.83
CA THR A 142 -3.10 -9.56 -19.67
C THR A 142 -3.39 -11.06 -19.47
N GLY A 143 -3.56 -11.46 -18.21
CA GLY A 143 -3.85 -12.85 -17.88
C GLY A 143 -5.17 -13.31 -18.47
N LEU A 144 -6.19 -12.47 -18.35
CA LEU A 144 -7.52 -12.83 -18.83
C LEU A 144 -7.55 -12.88 -20.35
N ARG A 145 -6.79 -12.00 -20.99
CA ARG A 145 -6.78 -11.95 -22.47
C ARG A 145 -6.27 -13.20 -23.14
N ALA A 146 -5.43 -13.97 -22.44
CA ALA A 146 -4.98 -15.24 -22.98
C ALA A 146 -6.14 -16.23 -23.11
N HIS A 147 -7.27 -15.94 -22.49
CA HIS A 147 -8.36 -16.91 -22.37
C HIS A 147 -9.71 -16.34 -22.79
N LEU A 148 -9.77 -15.02 -22.91
CA LEU A 148 -11.04 -14.32 -23.11
C LEU A 148 -10.95 -13.36 -24.29
N GLY A 149 -11.79 -13.58 -25.30
CA GLY A 149 -11.74 -12.80 -26.52
C GLY A 149 -12.78 -11.70 -26.60
N THR A 150 -13.77 -11.74 -25.71
CA THR A 150 -14.84 -10.75 -25.72
C THR A 150 -14.40 -9.44 -25.06
N ALA A 151 -15.20 -8.39 -25.22
CA ALA A 151 -14.90 -7.10 -24.65
C ALA A 151 -14.80 -7.17 -23.13
N ILE A 152 -13.81 -6.49 -22.56
CA ILE A 152 -13.67 -6.41 -21.11
C ILE A 152 -13.94 -4.96 -20.71
N ARG A 153 -15.09 -4.73 -20.09
CA ARG A 153 -15.48 -3.38 -19.67
C ARG A 153 -14.79 -2.99 -18.37
N ASP A 154 -14.67 -1.68 -18.17
CA ASP A 154 -14.17 -1.14 -16.92
C ASP A 154 -15.29 -1.15 -15.88
N ALA A 155 -15.06 -1.80 -14.74
CA ALA A 155 -16.12 -1.93 -13.74
C ALA A 155 -16.35 -0.68 -12.85
N GLY A 156 -15.71 0.44 -13.19
CA GLY A 156 -15.73 1.62 -12.33
C GLY A 156 -17.12 2.16 -12.03
N ALA A 157 -17.97 2.19 -13.05
CA ALA A 157 -19.34 2.70 -12.91
C ALA A 157 -20.16 1.87 -11.94
N ILE A 158 -19.97 0.55 -12.03
CA ILE A 158 -20.65 -0.41 -11.19
C ILE A 158 -20.15 -0.28 -9.74
N ILE A 159 -18.84 -0.21 -9.57
CA ILE A 159 -18.25 -0.15 -8.24
C ILE A 159 -18.63 1.16 -7.53
N ASP A 160 -18.48 2.29 -8.22
CA ASP A 160 -18.87 3.59 -7.66
C ASP A 160 -20.39 3.65 -7.37
N GLY A 161 -21.17 3.10 -8.29
CA GLY A 161 -22.61 3.06 -8.17
C GLY A 161 -23.02 2.36 -6.88
N CYS A 162 -22.17 1.44 -6.41
CA CYS A 162 -22.44 0.81 -5.13
C CYS A 162 -21.88 1.66 -3.99
N ARG A 163 -20.58 1.94 -4.05
CA ARG A 163 -19.84 2.46 -2.90
C ARG A 163 -20.03 3.94 -2.56
N MET A 164 -20.41 4.75 -3.55
CA MET A 164 -20.51 6.19 -3.37
C MET A 164 -21.49 6.56 -2.25
N CYS A 165 -22.64 5.90 -2.21
CA CYS A 165 -23.63 6.21 -1.19
C CYS A 165 -23.46 5.28 0.01
N LYS A 166 -23.20 5.86 1.18
CA LYS A 166 -22.91 5.07 2.36
C LYS A 166 -24.16 4.72 3.16
N SER A 167 -24.21 3.49 3.66
CA SER A 167 -25.30 3.06 4.52
C SER A 167 -25.13 3.71 5.89
N PRO A 168 -26.18 3.68 6.72
CA PRO A 168 -26.00 4.21 8.08
C PRO A 168 -24.86 3.51 8.81
N ALA A 169 -24.64 2.22 8.56
CA ALA A 169 -23.58 1.51 9.28
C ALA A 169 -22.23 2.02 8.83
N GLU A 170 -22.12 2.29 7.53
CA GLU A 170 -20.86 2.79 6.97
C GLU A 170 -20.59 4.18 7.50
N LEU A 171 -21.62 5.00 7.55
CA LEU A 171 -21.47 6.36 8.08
C LEU A 171 -21.01 6.33 9.54
N ALA A 172 -21.51 5.36 10.29
CA ALA A 172 -21.16 5.23 11.71
C ALA A 172 -19.70 4.82 11.94
N LEU A 173 -19.18 3.96 11.07
CA LEU A 173 -17.77 3.56 11.17
C LEU A 173 -16.89 4.74 10.75
N MET A 174 -17.30 5.47 9.74
CA MET A 174 -16.57 6.64 9.33
C MET A 174 -16.63 7.70 10.41
N GLN A 175 -17.81 7.86 11.02
CA GLN A 175 -17.96 8.82 12.10
C GLN A 175 -16.98 8.48 13.22
N GLN A 176 -16.85 7.20 13.52
CA GLN A 176 -15.97 6.79 14.62
C GLN A 176 -14.51 7.13 14.29
N ALA A 177 -14.10 6.88 13.06
CA ALA A 177 -12.72 7.12 12.66
C ALA A 177 -12.44 8.61 12.72
N CYS A 178 -13.41 9.41 12.27
CA CYS A 178 -13.29 10.85 12.31
C CYS A 178 -13.23 11.41 13.75
N ASP A 179 -14.09 10.91 14.65
CA ASP A 179 -14.08 11.40 16.03
C ASP A 179 -12.72 11.12 16.67
N MET A 180 -12.16 9.94 16.39
CA MET A 180 -10.85 9.56 16.90
C MET A 180 -9.74 10.46 16.39
N THR A 181 -9.69 10.66 15.08
CA THR A 181 -8.64 11.46 14.50
C THR A 181 -8.78 12.94 14.90
N LEU A 182 -10.01 13.41 15.09
CA LEU A 182 -10.19 14.76 15.58
C LEU A 182 -9.50 14.88 16.94
N LEU A 183 -9.72 13.91 17.82
CA LEU A 183 -9.05 13.92 19.12
C LEU A 183 -7.54 13.89 18.96
N VAL A 184 -7.04 13.06 18.04
CA VAL A 184 -5.60 12.97 17.84
C VAL A 184 -5.04 14.32 17.37
N GLN A 185 -5.79 14.96 16.48
CA GLN A 185 -5.44 16.27 15.99
C GLN A 185 -5.37 17.27 17.15
N ARG A 186 -6.36 17.20 18.03
CA ARG A 186 -6.44 18.08 19.20
C ARG A 186 -5.22 17.92 20.10
N LEU A 187 -4.85 16.67 20.37
CA LEU A 187 -3.72 16.37 21.26
C LEU A 187 -2.38 16.71 20.61
N ALA A 188 -2.32 16.64 19.29
CA ALA A 188 -1.09 16.95 18.58
C ALA A 188 -0.79 18.44 18.70
N ALA A 189 -1.82 19.26 18.56
CA ALA A 189 -1.68 20.70 18.75
C ALA A 189 -1.32 21.01 20.20
N GLY A 190 -1.89 20.24 21.11
CA GLY A 190 -1.63 20.43 22.52
C GLY A 190 -0.17 20.27 22.90
N ILE A 191 0.49 19.24 22.38
CA ILE A 191 1.86 18.97 22.79
C ILE A 191 2.90 19.73 21.97
N ALA A 192 2.46 20.45 20.94
CA ALA A 192 3.38 21.25 20.15
C ALA A 192 4.12 22.28 20.99
N HIS A 193 5.42 22.37 20.78
CA HIS A 193 6.24 23.34 21.49
C HIS A 193 7.37 23.76 20.56
N GLU A 194 8.03 24.85 20.91
CA GLU A 194 9.22 25.30 20.21
C GLU A 194 10.21 24.16 20.07
N GLY A 195 10.74 23.97 18.86
CA GLY A 195 11.77 22.97 18.62
C GLY A 195 11.29 21.56 18.37
N ILE A 196 10.01 21.30 18.55
CA ILE A 196 9.50 19.95 18.37
C ILE A 196 9.69 19.53 16.91
N GLY A 197 10.04 18.27 16.71
CA GLY A 197 10.27 17.78 15.37
C GLY A 197 8.99 17.32 14.69
N THR A 198 8.98 17.45 13.38
CA THR A 198 7.88 16.96 12.59
C THR A 198 7.80 15.43 12.73
N ASP A 199 8.95 14.77 12.84
CA ASP A 199 9.00 13.32 13.05
C ASP A 199 8.38 12.93 14.38
N GLN A 200 8.54 13.79 15.38
CA GLN A 200 7.99 13.54 16.71
C GLN A 200 6.47 13.61 16.71
N LEU A 201 5.93 14.57 15.98
CA LEU A 201 4.48 14.66 15.87
C LEU A 201 3.92 13.46 15.13
N VAL A 202 4.50 13.13 13.97
CA VAL A 202 4.06 11.98 13.18
C VAL A 202 4.00 10.75 14.06
N ARG A 203 5.07 10.52 14.81
CA ARG A 203 5.15 9.34 15.65
C ARG A 203 4.12 9.36 16.75
N PHE A 204 3.95 10.51 17.41
CA PHE A 204 2.88 10.64 18.41
C PHE A 204 1.47 10.40 17.82
N ILE A 205 1.23 10.91 16.63
CA ILE A 205 -0.06 10.75 15.99
C ILE A 205 -0.33 9.28 15.68
N ASP A 206 0.72 8.54 15.33
CA ASP A 206 0.55 7.12 15.10
C ASP A 206 0.26 6.40 16.39
N GLU A 207 0.99 6.77 17.45
CA GLU A 207 0.83 6.18 18.77
C GLU A 207 -0.59 6.42 19.27
N ALA A 208 -1.08 7.64 19.06
CA ALA A 208 -2.40 8.05 19.55
C ALA A 208 -3.50 7.28 18.85
N HIS A 209 -3.43 7.26 17.52
CA HIS A 209 -4.32 6.46 16.69
C HIS A 209 -4.36 5.00 17.13
N ARG A 210 -3.21 4.42 17.46
CA ARG A 210 -3.18 3.05 17.96
C ARG A 210 -3.86 2.94 19.30
N ALA A 211 -3.51 3.83 20.21
CA ALA A 211 -4.06 3.78 21.57
C ALA A 211 -5.59 3.89 21.56
N LEU A 212 -6.12 4.69 20.63
CA LEU A 212 -7.57 4.91 20.59
C LEU A 212 -8.30 3.72 19.97
N GLY A 213 -7.56 2.80 19.38
CA GLY A 213 -8.16 1.60 18.82
C GLY A 213 -8.42 1.66 17.31
N ALA A 214 -7.53 2.32 16.56
CA ALA A 214 -7.65 2.30 15.11
C ALA A 214 -7.26 0.93 14.58
N ASP A 215 -7.56 0.64 13.33
CA ASP A 215 -7.16 -0.63 12.71
C ASP A 215 -5.66 -0.81 12.78
N ASN A 216 -4.93 0.23 12.40
CA ASN A 216 -3.50 0.10 12.17
C ASN A 216 -2.80 1.45 12.28
N GLY A 217 -2.93 2.07 13.44
CA GLY A 217 -2.33 3.37 13.69
C GLY A 217 -2.77 4.40 12.68
N SER A 218 -1.85 5.27 12.28
CA SER A 218 -2.14 6.26 11.24
C SER A 218 -2.12 5.61 9.86
N THR A 219 -3.17 5.86 9.09
CA THR A 219 -3.23 5.46 7.69
C THR A 219 -2.16 6.18 6.91
N PHE A 220 -2.00 7.46 7.21
CA PHE A 220 -1.00 8.32 6.60
C PHE A 220 -0.80 9.47 7.54
N CYS A 221 0.20 10.28 7.29
CA CYS A 221 0.37 11.47 8.11
C CYS A 221 1.31 12.43 7.42
N ILE A 222 0.82 13.63 7.21
CA ILE A 222 1.60 14.72 6.66
C ILE A 222 1.72 15.80 7.73
N VAL A 223 2.95 16.15 8.10
CA VAL A 223 3.16 17.26 9.03
C VAL A 223 4.21 18.20 8.42
N GLN A 224 3.86 19.47 8.30
CA GLN A 224 4.79 20.46 7.77
C GLN A 224 4.69 21.74 8.57
N PHE A 225 5.83 22.41 8.73
CA PHE A 225 5.91 23.70 9.43
C PHE A 225 6.31 24.80 8.48
N GLY A 226 5.90 26.03 8.81
CA GLY A 226 6.42 27.21 8.15
C GLY A 226 6.24 27.16 6.64
N HIS A 227 7.32 27.37 5.91
CA HIS A 227 7.19 27.46 4.45
C HIS A 227 6.87 26.14 3.79
N ALA A 228 7.09 25.04 4.49
CA ALA A 228 6.82 23.72 3.91
C ALA A 228 5.32 23.49 3.74
N THR A 229 4.50 24.31 4.41
CA THR A 229 3.06 24.13 4.31
C THR A 229 2.55 24.50 2.91
N ALA A 230 3.38 25.14 2.10
CA ALA A 230 3.00 25.46 0.72
C ALA A 230 2.92 24.24 -0.22
N PHE A 231 3.45 23.09 0.21
CA PHE A 231 3.37 21.85 -0.57
C PHE A 231 2.22 20.96 -0.10
N PRO A 232 1.16 20.81 -0.92
CA PRO A 232 -0.05 20.12 -0.44
C PRO A 232 0.20 18.69 0.07
N HIS A 233 1.11 17.96 -0.55
CA HIS A 233 1.40 16.60 -0.08
C HIS A 233 2.76 16.52 0.62
N GLY A 234 3.33 17.69 0.90
CA GLY A 234 4.58 17.75 1.65
C GLY A 234 5.85 17.49 0.84
N ILE A 235 6.99 17.50 1.54
CA ILE A 235 8.29 17.25 0.93
C ILE A 235 9.15 16.49 1.93
N PRO A 236 10.20 15.79 1.47
CA PRO A 236 11.09 15.10 2.43
C PRO A 236 11.81 16.04 3.39
N GLY A 237 12.22 15.52 4.54
CA GLY A 237 13.09 16.26 5.44
C GLY A 237 12.41 16.57 6.75
N VAL A 238 13.11 16.33 7.86
CA VAL A 238 12.56 16.65 9.18
C VAL A 238 12.69 18.13 9.48
N GLN A 239 11.60 18.74 9.98
CA GLN A 239 11.63 20.12 10.43
C GLN A 239 11.49 20.23 11.96
N HIS A 240 11.92 21.36 12.51
CA HIS A 240 11.71 21.63 13.92
C HIS A 240 10.98 22.97 14.10
N LEU A 241 10.04 23.01 15.05
CA LEU A 241 9.06 24.09 15.11
C LEU A 241 9.59 25.41 15.66
N ARG A 242 9.25 26.49 14.98
CA ARG A 242 9.64 27.83 15.43
C ARG A 242 8.42 28.72 15.57
N ALA A 243 8.44 29.62 16.56
CA ALA A 243 7.36 30.57 16.77
C ALA A 243 7.13 31.38 15.50
N GLY A 244 5.86 31.62 15.15
CA GLY A 244 5.53 32.36 13.94
C GLY A 244 5.17 31.48 12.75
N GLU A 245 5.49 30.19 12.86
CA GLU A 245 5.25 29.24 11.77
C GLU A 245 3.87 28.60 11.83
N LEU A 246 3.25 28.47 10.67
CA LEU A 246 2.06 27.63 10.54
C LEU A 246 2.41 26.16 10.70
N VAL A 247 1.48 25.40 11.23
CA VAL A 247 1.62 23.96 11.33
C VAL A 247 0.47 23.33 10.57
N LEU A 248 0.82 22.47 9.61
CA LEU A 248 -0.21 21.77 8.84
C LEU A 248 -0.11 20.30 9.16
N ILE A 249 -1.23 19.73 9.61
CA ILE A 249 -1.30 18.31 9.88
C ILE A 249 -2.49 17.70 9.16
N ASP A 250 -2.19 16.77 8.27
CA ASP A 250 -3.20 16.02 7.53
C ASP A 250 -3.00 14.56 7.90
N THR A 251 -4.02 13.92 8.50
CA THR A 251 -3.84 12.56 8.94
C THR A 251 -5.18 11.86 9.07
N GLY A 252 -5.15 10.55 9.34
CA GLY A 252 -6.38 9.79 9.44
C GLY A 252 -6.10 8.37 9.89
N CYS A 253 -7.16 7.62 10.17
CA CYS A 253 -7.03 6.23 10.53
C CYS A 253 -8.14 5.47 9.83
N THR A 254 -8.23 4.17 10.08
CA THR A 254 -9.39 3.43 9.61
C THR A 254 -9.99 2.64 10.77
N VAL A 255 -11.31 2.51 10.73
CA VAL A 255 -12.06 1.67 11.64
C VAL A 255 -12.88 0.70 10.79
N GLN A 256 -12.57 -0.60 10.89
CA GLN A 256 -13.18 -1.62 10.04
C GLN A 256 -12.99 -1.28 8.56
N GLY A 257 -11.88 -0.59 8.26
CA GLY A 257 -11.54 -0.22 6.90
C GLY A 257 -11.98 1.18 6.48
N TYR A 258 -12.89 1.78 7.25
CA TYR A 258 -13.45 3.06 6.86
C TYR A 258 -12.57 4.21 7.32
N HIS A 259 -12.31 5.14 6.41
CA HIS A 259 -11.29 6.17 6.60
C HIS A 259 -11.76 7.47 7.24
N SER A 260 -10.93 7.99 8.15
CA SER A 260 -10.95 9.40 8.48
C SER A 260 -9.83 10.07 7.69
N ASP A 261 -9.92 11.40 7.56
CA ASP A 261 -8.98 12.16 6.75
C ASP A 261 -9.27 13.63 7.05
N ILE A 262 -8.45 14.19 7.94
CA ILE A 262 -8.72 15.50 8.52
C ILE A 262 -7.46 16.34 8.43
N THR A 263 -7.60 17.59 8.00
CA THR A 263 -6.46 18.48 8.00
C THR A 263 -6.75 19.69 8.88
N ARG A 264 -5.76 20.05 9.70
CA ARG A 264 -5.81 21.23 10.52
C ARG A 264 -4.59 22.09 10.19
N THR A 265 -4.78 23.39 10.06
CA THR A 265 -3.66 24.32 9.92
C THR A 265 -3.79 25.41 10.99
N TRP A 266 -2.77 25.55 11.82
CA TRP A 266 -2.83 26.53 12.91
C TRP A 266 -1.47 27.18 13.12
N ILE A 267 -1.48 28.32 13.79
CA ILE A 267 -0.26 29.09 14.03
C ILE A 267 0.36 28.71 15.37
N TYR A 268 1.67 28.54 15.37
CA TYR A 268 2.39 28.40 16.62
C TYR A 268 3.05 29.73 16.92
N GLY A 269 2.53 30.44 17.91
CA GLY A 269 3.00 31.78 18.18
C GLY A 269 2.09 32.84 17.61
N THR A 270 2.67 33.95 17.18
CA THR A 270 1.89 35.07 16.67
C THR A 270 1.84 35.03 15.15
N PRO A 271 0.62 35.10 14.59
CA PRO A 271 0.48 35.02 13.13
C PRO A 271 0.79 36.34 12.45
N SER A 272 1.30 36.32 11.23
CA SER A 272 1.46 37.54 10.44
C SER A 272 0.10 37.97 9.88
N ASP A 273 -0.02 39.22 9.44
CA ASP A 273 -1.28 39.66 8.84
C ASP A 273 -1.59 38.83 7.60
N ALA A 274 -0.54 38.44 6.88
CA ALA A 274 -0.71 37.60 5.70
C ALA A 274 -1.32 36.25 6.07
N GLN A 275 -0.76 35.59 7.08
CA GLN A 275 -1.26 34.29 7.52
C GLN A 275 -2.73 34.38 7.98
N GLN A 276 -3.05 35.44 8.73
CA GLN A 276 -4.42 35.61 9.23
C GLN A 276 -5.42 35.79 8.10
N ARG A 277 -5.08 36.63 7.13
CA ARG A 277 -5.96 36.87 6.00
C ARG A 277 -6.21 35.59 5.20
N ILE A 278 -5.13 34.87 4.89
CA ILE A 278 -5.28 33.66 4.11
C ILE A 278 -6.04 32.59 4.89
N TRP A 279 -5.83 32.55 6.21
CA TRP A 279 -6.48 31.54 7.03
C TRP A 279 -8.00 31.77 7.02
N GLU A 280 -8.40 33.00 7.30
CA GLU A 280 -9.82 33.34 7.27
C GLU A 280 -10.43 33.04 5.90
N LEU A 281 -9.67 33.29 4.84
CA LEU A 281 -10.14 33.00 3.49
C LEU A 281 -10.34 31.49 3.26
N GLU A 282 -9.41 30.69 3.76
CA GLU A 282 -9.55 29.24 3.68
C GLU A 282 -10.82 28.77 4.38
N LEU A 283 -11.09 29.32 5.56
CA LEU A 283 -12.30 28.95 6.27
C LEU A 283 -13.55 29.30 5.47
N ALA A 284 -13.54 30.47 4.82
CA ALA A 284 -14.70 30.93 4.05
C ALA A 284 -14.90 30.10 2.78
N ALA A 285 -13.81 29.65 2.18
CA ALA A 285 -13.89 28.85 0.97
C ALA A 285 -14.46 27.48 1.31
N GLN A 286 -13.97 26.90 2.41
CA GLN A 286 -14.50 25.62 2.85
C GLN A 286 -15.99 25.75 3.21
N ALA A 287 -16.36 26.84 3.88
CA ALA A 287 -17.75 27.07 4.26
C ALA A 287 -18.64 27.17 3.03
N ALA A 288 -18.13 27.85 2.00
CA ALA A 288 -18.91 28.06 0.78
C ALA A 288 -19.12 26.74 0.07
N ALA A 289 -18.08 25.92 -0.02
CA ALA A 289 -18.20 24.59 -0.61
C ALA A 289 -19.26 23.76 0.11
N PHE A 290 -19.24 23.81 1.44
CA PHE A 290 -20.25 23.07 2.20
C PHE A 290 -21.68 23.57 1.90
N ALA A 291 -21.85 24.89 1.85
CA ALA A 291 -23.17 25.47 1.69
C ALA A 291 -23.76 25.17 0.32
N ALA A 292 -22.93 24.73 -0.62
CA ALA A 292 -23.38 24.43 -1.97
C ALA A 292 -23.87 22.99 -2.08
N VAL A 293 -23.65 22.21 -1.03
CA VAL A 293 -23.99 20.79 -1.06
C VAL A 293 -25.46 20.49 -0.72
N ARG A 294 -26.16 19.89 -1.67
CA ARG A 294 -27.48 19.27 -1.44
C ARG A 294 -27.74 18.29 -2.59
N PRO A 295 -28.65 17.32 -2.39
CA PRO A 295 -28.96 16.37 -3.47
C PRO A 295 -29.27 17.05 -4.79
N GLY A 296 -28.75 16.50 -5.88
CA GLY A 296 -28.99 17.04 -7.19
C GLY A 296 -27.88 17.94 -7.70
N VAL A 297 -27.08 18.49 -6.78
CA VAL A 297 -26.07 19.45 -7.18
C VAL A 297 -24.86 18.74 -7.82
N ALA A 298 -24.37 19.27 -8.93
CA ALA A 298 -23.22 18.66 -9.62
C ALA A 298 -21.98 18.79 -8.75
N CYS A 299 -21.16 17.75 -8.71
CA CYS A 299 -19.96 17.82 -7.90
C CYS A 299 -19.08 19.02 -8.24
N GLU A 300 -18.95 19.36 -9.52
CA GLU A 300 -18.08 20.49 -9.88
C GLU A 300 -18.63 21.82 -9.35
N ALA A 301 -19.93 21.88 -9.10
CA ALA A 301 -20.54 23.10 -8.56
C ALA A 301 -20.00 23.40 -7.16
N VAL A 302 -19.67 22.35 -6.42
CA VAL A 302 -19.12 22.49 -5.08
C VAL A 302 -17.68 23.02 -5.15
N ASP A 303 -16.90 22.45 -6.08
CA ASP A 303 -15.56 22.95 -6.34
C ASP A 303 -15.63 24.42 -6.74
N GLN A 304 -16.56 24.76 -7.63
CA GLN A 304 -16.66 26.13 -8.09
C GLN A 304 -17.01 27.10 -6.96
N ALA A 305 -17.87 26.68 -6.03
CA ALA A 305 -18.28 27.57 -4.94
C ALA A 305 -17.08 28.00 -4.09
N ALA A 306 -16.15 27.07 -3.86
CA ALA A 306 -14.91 27.38 -3.16
C ALA A 306 -14.03 28.33 -3.99
N ARG A 307 -13.94 28.09 -5.29
CA ARG A 307 -13.12 28.94 -6.15
C ARG A 307 -13.71 30.34 -6.28
N ALA A 308 -15.04 30.43 -6.24
CA ALA A 308 -15.71 31.73 -6.34
C ALA A 308 -15.30 32.60 -5.17
N VAL A 309 -15.17 32.00 -3.98
CA VAL A 309 -14.77 32.75 -2.80
C VAL A 309 -13.34 33.30 -2.98
N LEU A 310 -12.45 32.44 -3.48
CA LEU A 310 -11.05 32.82 -3.67
C LEU A 310 -10.91 33.95 -4.68
N GLN A 311 -11.63 33.81 -5.79
CA GLN A 311 -11.64 34.82 -6.84
C GLN A 311 -12.15 36.17 -6.34
N ALA A 312 -13.23 36.17 -5.54
CA ALA A 312 -13.79 37.42 -5.03
C ALA A 312 -12.77 38.16 -4.16
N ALA A 313 -11.84 37.41 -3.58
CA ALA A 313 -10.83 37.99 -2.72
C ALA A 313 -9.53 38.28 -3.47
N GLY A 314 -9.54 38.12 -4.78
CA GLY A 314 -8.37 38.46 -5.58
C GLY A 314 -7.37 37.33 -5.78
N LEU A 315 -7.74 36.11 -5.39
CA LEU A 315 -6.88 34.96 -5.64
C LEU A 315 -7.42 34.20 -6.84
N GLY A 316 -6.76 33.11 -7.23
CA GLY A 316 -7.19 32.41 -8.44
C GLY A 316 -6.94 33.31 -9.63
N PRO A 317 -7.78 33.20 -10.68
CA PRO A 317 -8.89 32.27 -10.81
C PRO A 317 -8.41 30.89 -11.18
N ASP A 318 -9.35 29.97 -11.38
CA ASP A 318 -9.03 28.60 -11.76
C ASP A 318 -8.05 28.02 -10.76
N TYR A 319 -6.91 27.53 -11.22
CA TYR A 319 -5.93 26.98 -10.29
C TYR A 319 -4.75 27.90 -10.08
N ARG A 320 -4.86 29.16 -10.53
CA ARG A 320 -3.71 30.05 -10.47
C ARG A 320 -3.34 30.37 -9.03
N LEU A 321 -2.04 30.57 -8.80
CA LEU A 321 -1.53 30.81 -7.45
C LEU A 321 -1.12 32.25 -7.32
N PRO A 322 -1.35 32.86 -6.14
CA PRO A 322 -1.97 32.32 -4.92
C PRO A 322 -3.42 31.87 -5.15
N GLY A 323 -3.80 30.72 -4.61
CA GLY A 323 -5.10 30.15 -4.90
C GLY A 323 -5.11 28.67 -4.61
N LEU A 324 -6.08 27.98 -5.19
CA LEU A 324 -6.32 26.56 -4.92
C LEU A 324 -5.80 25.73 -6.11
N PRO A 325 -4.67 25.02 -5.93
CA PRO A 325 -4.04 24.38 -7.10
C PRO A 325 -4.61 22.99 -7.42
N HIS A 326 -5.42 22.43 -6.54
CA HIS A 326 -6.02 21.12 -6.78
C HIS A 326 -7.53 21.15 -6.54
N ARG A 327 -8.19 20.00 -6.69
CA ARG A 327 -9.63 19.91 -6.52
C ARG A 327 -10.02 20.26 -5.09
N THR A 328 -11.29 20.58 -4.90
CA THR A 328 -11.77 20.95 -3.59
C THR A 328 -11.91 19.73 -2.70
N GLY A 329 -12.21 18.58 -3.28
CA GLY A 329 -12.35 17.40 -2.44
C GLY A 329 -12.44 16.07 -3.16
N HIS A 330 -12.39 14.99 -2.39
CA HIS A 330 -12.49 13.63 -2.89
C HIS A 330 -13.50 12.84 -2.07
N GLY A 331 -14.18 11.88 -2.70
CA GLY A 331 -14.96 10.94 -1.95
C GLY A 331 -14.07 10.09 -1.08
N CYS A 332 -14.67 9.48 -0.07
CA CYS A 332 -13.92 8.75 0.93
C CYS A 332 -14.83 7.64 1.44
N GLY A 333 -14.26 6.48 1.71
CA GLY A 333 -15.02 5.38 2.26
C GLY A 333 -14.05 4.32 2.74
N LEU A 334 -14.15 3.14 2.14
CA LEU A 334 -13.18 2.08 2.37
C LEU A 334 -11.82 2.46 1.79
N ALA A 335 -11.82 3.41 0.87
CA ALA A 335 -10.57 3.94 0.33
C ALA A 335 -10.39 5.38 0.79
N ILE A 336 -9.15 5.84 0.92
CA ILE A 336 -8.90 7.22 1.32
C ILE A 336 -9.44 8.18 0.25
N HIS A 337 -9.24 7.79 -1.01
CA HIS A 337 -9.77 8.51 -2.16
C HIS A 337 -10.67 7.60 -2.95
N GLU A 338 -11.91 8.02 -3.17
CA GLU A 338 -12.82 7.29 -4.05
C GLU A 338 -13.83 8.29 -4.61
N ALA A 339 -14.72 7.83 -5.47
CA ALA A 339 -15.74 8.72 -6.03
C ALA A 339 -16.75 9.10 -4.95
N PRO A 340 -17.44 10.25 -5.12
CA PRO A 340 -17.34 11.23 -6.21
C PRO A 340 -16.26 12.25 -5.93
N TYR A 341 -15.62 12.76 -6.98
CA TYR A 341 -14.61 13.79 -6.81
C TYR A 341 -15.19 15.18 -6.98
N LEU A 342 -14.82 16.07 -6.07
CA LEU A 342 -15.30 17.44 -6.11
C LEU A 342 -14.33 18.25 -6.97
N VAL A 343 -14.52 18.14 -8.29
CA VAL A 343 -13.53 18.64 -9.24
C VAL A 343 -14.23 19.20 -10.45
N ARG A 344 -13.66 20.25 -11.04
CA ARG A 344 -14.16 20.79 -12.28
C ARG A 344 -14.33 19.70 -13.33
N GLY A 345 -15.45 19.76 -14.06
CA GLY A 345 -15.76 18.82 -15.11
C GLY A 345 -16.60 17.64 -14.64
N ASN A 346 -16.68 17.43 -13.33
CA ASN A 346 -17.50 16.33 -12.81
C ASN A 346 -18.95 16.73 -12.60
N ARG A 347 -19.80 16.30 -13.54
CA ARG A 347 -21.23 16.61 -13.50
C ARG A 347 -22.02 15.64 -12.64
N GLN A 348 -21.34 14.68 -12.01
CA GLN A 348 -22.02 13.73 -11.12
C GLN A 348 -22.88 14.47 -10.11
N PRO A 349 -24.19 14.18 -10.11
CA PRO A 349 -25.05 14.77 -9.08
C PRO A 349 -24.80 14.11 -7.74
N LEU A 350 -24.79 14.92 -6.69
CA LEU A 350 -24.66 14.43 -5.33
C LEU A 350 -25.98 13.79 -4.88
N GLN A 351 -25.87 12.66 -4.20
CA GLN A 351 -27.03 11.93 -3.71
C GLN A 351 -26.86 11.68 -2.21
N PRO A 352 -27.97 11.57 -1.48
CA PRO A 352 -27.86 11.29 -0.04
C PRO A 352 -26.98 10.08 0.25
N GLY A 353 -26.14 10.16 1.27
CA GLY A 353 -25.21 9.10 1.63
C GLY A 353 -23.80 9.29 1.11
N MET A 354 -23.65 10.10 0.05
CA MET A 354 -22.34 10.33 -0.52
C MET A 354 -21.44 11.04 0.47
N CYS A 355 -20.19 10.59 0.54
CA CYS A 355 -19.22 11.15 1.46
C CYS A 355 -18.10 11.77 0.67
N ALA A 356 -17.74 13.01 1.00
CA ALA A 356 -16.56 13.60 0.39
C ALA A 356 -15.82 14.53 1.34
N SER A 357 -14.57 14.79 0.98
CA SER A 357 -13.76 15.76 1.69
C SER A 357 -14.05 17.16 1.20
N ASN A 358 -13.77 18.14 2.06
CA ASN A 358 -13.92 19.54 1.74
C ASN A 358 -12.61 20.21 2.15
N GLU A 359 -11.70 20.39 1.19
CA GLU A 359 -10.36 20.85 1.54
C GLU A 359 -9.75 21.79 0.51
N PRO A 360 -10.36 22.98 0.32
CA PRO A 360 -9.94 23.87 -0.75
C PRO A 360 -8.66 24.62 -0.40
N MET A 361 -7.56 23.90 -0.22
CA MET A 361 -6.30 24.50 0.24
C MET A 361 -5.83 25.70 -0.59
N ILE A 362 -5.39 26.74 0.11
CA ILE A 362 -4.79 27.90 -0.52
C ILE A 362 -3.28 27.77 -0.45
N VAL A 363 -2.62 27.90 -1.58
CA VAL A 363 -1.17 27.96 -1.60
C VAL A 363 -0.73 29.38 -1.97
N VAL A 364 0.16 29.95 -1.15
CA VAL A 364 0.83 31.21 -1.49
C VAL A 364 2.27 30.85 -1.80
N PRO A 365 2.66 30.93 -3.09
CA PRO A 365 3.98 30.45 -3.52
C PRO A 365 5.14 31.11 -2.78
N GLY A 366 6.01 30.30 -2.20
CA GLY A 366 7.19 30.80 -1.54
C GLY A 366 6.95 31.15 -0.09
N ALA A 367 5.69 31.11 0.31
CA ALA A 367 5.27 31.62 1.61
C ALA A 367 4.75 30.52 2.53
N PHE A 368 3.54 30.03 2.26
CA PHE A 368 2.90 29.03 3.11
C PHE A 368 1.64 28.52 2.45
N GLY A 369 1.05 27.51 3.05
CA GLY A 369 -0.29 27.10 2.64
C GLY A 369 -1.22 27.03 3.83
N VAL A 370 -2.51 27.21 3.58
CA VAL A 370 -3.49 26.93 4.60
C VAL A 370 -4.47 25.90 4.09
N ALA A 371 -4.52 24.75 4.74
CA ALA A 371 -5.48 23.72 4.38
C ALA A 371 -6.37 23.38 5.56
N LEU A 372 -7.67 23.51 5.34
CA LEU A 372 -8.65 23.04 6.31
C LEU A 372 -9.41 21.88 5.66
N GLU A 373 -9.45 20.73 6.33
CA GLU A 373 -10.17 19.59 5.77
C GLU A 373 -11.04 18.91 6.82
N ASP A 374 -12.32 18.88 6.49
CA ASP A 374 -13.31 18.12 7.21
C ASP A 374 -14.13 17.41 6.15
N HIS A 375 -14.65 16.22 6.44
CA HIS A 375 -15.51 15.54 5.47
C HIS A 375 -17.00 15.73 5.81
N PHE A 376 -17.85 15.62 4.79
CA PHE A 376 -19.30 15.69 5.00
C PHE A 376 -19.99 14.50 4.35
N TYR A 377 -21.22 14.23 4.73
CA TYR A 377 -22.04 13.38 3.88
C TYR A 377 -23.29 14.12 3.49
N VAL A 378 -23.83 13.74 2.33
CA VAL A 378 -25.04 14.34 1.83
C VAL A 378 -26.24 13.77 2.57
N THR A 379 -27.17 14.65 2.95
CA THR A 379 -28.41 14.24 3.59
C THR A 379 -29.57 14.39 2.61
N ASP A 380 -30.81 14.25 3.09
CA ASP A 380 -31.95 14.39 2.19
C ASP A 380 -32.12 15.83 1.74
N THR A 381 -31.76 16.76 2.61
CA THR A 381 -32.02 18.17 2.36
C THR A 381 -30.75 18.98 2.10
N GLY A 382 -29.62 18.50 2.60
CA GLY A 382 -28.38 19.23 2.47
C GLY A 382 -27.13 18.39 2.71
N ALA A 383 -26.37 18.77 3.74
CA ALA A 383 -25.14 18.09 4.11
C ALA A 383 -24.99 18.05 5.64
N GLN A 384 -24.10 17.18 6.11
CA GLN A 384 -23.79 17.05 7.52
C GLN A 384 -22.28 16.87 7.67
N TRP A 385 -21.62 17.71 8.45
CA TRP A 385 -20.18 17.52 8.69
C TRP A 385 -19.94 16.26 9.51
N PHE A 386 -18.92 15.49 9.15
CA PHE A 386 -18.42 14.44 10.05
C PHE A 386 -17.74 15.09 11.24
N THR A 387 -16.96 16.13 10.96
CA THR A 387 -16.31 16.90 12.00
C THR A 387 -16.58 18.39 11.77
N PRO A 388 -16.82 19.15 12.84
CA PRO A 388 -17.09 20.58 12.69
C PRO A 388 -15.82 21.32 12.27
N PRO A 389 -15.94 22.33 11.37
CA PRO A 389 -14.78 23.08 10.89
C PRO A 389 -14.08 23.86 11.98
N SER A 390 -12.81 24.18 11.76
CA SER A 390 -12.05 25.06 12.65
C SER A 390 -12.73 26.41 12.83
N VAL A 391 -12.31 27.15 13.85
CA VAL A 391 -12.94 28.42 14.21
C VAL A 391 -12.04 29.61 13.89
N ALA A 392 -10.76 29.49 14.24
CA ALA A 392 -9.81 30.57 14.07
C ALA A 392 -8.41 29.99 13.83
N ILE A 393 -7.50 30.84 13.37
CA ILE A 393 -6.13 30.44 13.07
C ILE A 393 -5.41 29.91 14.32
N ASP A 394 -5.84 30.41 15.47
CA ASP A 394 -5.34 29.91 16.75
C ASP A 394 -6.42 29.12 17.51
N GLN A 395 -7.49 28.76 16.82
CA GLN A 395 -8.48 27.83 17.40
C GLN A 395 -8.90 26.77 16.38
N PRO A 396 -8.02 25.79 16.13
CA PRO A 396 -8.24 24.70 15.18
C PRO A 396 -9.50 23.88 15.47
N PHE A 397 -10.05 23.95 16.68
CA PHE A 397 -11.17 23.08 17.00
C PHE A 397 -12.40 23.81 17.54
N ALA A 398 -13.52 23.54 16.86
CA ALA A 398 -14.82 24.02 17.27
C ALA A 398 -15.16 23.47 18.64
N THR B 2 20.78 -19.86 24.76
CA THR B 2 21.13 -18.49 25.11
C THR B 2 20.49 -17.45 24.19
N GLN B 3 20.38 -17.75 22.90
CA GLN B 3 19.87 -16.77 21.93
C GLN B 3 18.41 -16.42 22.17
N ILE B 4 17.66 -17.35 22.75
CA ILE B 4 16.25 -17.15 23.01
C ILE B 4 16.05 -16.75 24.47
N GLY B 5 15.46 -15.56 24.68
CA GLY B 5 15.19 -15.01 26.02
C GLY B 5 16.46 -14.55 26.75
N GLY B 6 16.29 -14.14 28.00
CA GLY B 6 17.42 -13.71 28.80
C GLY B 6 17.69 -12.23 28.67
N MET B 7 17.10 -11.60 27.67
CA MET B 7 17.35 -10.19 27.43
C MET B 7 16.14 -9.33 27.78
N SER B 8 16.39 -8.28 28.56
CA SER B 8 15.33 -7.34 28.91
C SER B 8 15.15 -6.33 27.80
N LEU B 9 14.06 -5.56 27.87
CA LEU B 9 13.76 -4.59 26.83
C LEU B 9 14.80 -3.48 26.81
N ASP B 10 15.23 -3.07 28.01
CA ASP B 10 16.22 -1.99 28.11
C ASP B 10 17.57 -2.41 27.55
N GLN B 11 17.96 -3.66 27.79
CA GLN B 11 19.22 -4.19 27.27
C GLN B 11 19.16 -4.31 25.75
N ALA B 12 18.00 -4.72 25.25
CA ALA B 12 17.77 -4.77 23.81
C ALA B 12 18.02 -3.40 23.19
N ARG B 13 17.49 -2.36 23.82
CA ARG B 13 17.54 -1.01 23.27
C ARG B 13 18.96 -0.45 23.25
N THR B 14 19.83 -1.03 24.07
CA THR B 14 21.22 -0.59 24.11
C THR B 14 21.93 -0.97 22.81
N GLN B 15 21.33 -1.87 22.06
CA GLN B 15 21.92 -2.36 20.83
C GLN B 15 21.30 -1.69 19.60
N LEU B 16 20.55 -0.61 19.80
CA LEU B 16 19.75 -0.04 18.72
C LEU B 16 20.21 1.31 18.22
N ALA B 17 21.52 1.55 18.22
CA ALA B 17 22.04 2.78 17.64
C ALA B 17 21.73 2.81 16.14
N PRO B 18 21.66 4.00 15.53
CA PRO B 18 21.45 4.02 14.09
C PRO B 18 22.57 3.28 13.35
N TRP B 19 22.21 2.64 12.25
CA TRP B 19 23.15 1.81 11.50
C TRP B 19 24.34 2.60 10.97
N THR B 20 25.54 2.03 11.07
CA THR B 20 26.71 2.68 10.49
C THR B 20 27.24 1.84 9.32
N GLN B 21 28.20 2.38 8.57
CA GLN B 21 28.62 1.77 7.32
C GLN B 21 27.39 1.55 6.43
N ARG B 22 26.60 2.61 6.28
CA ARG B 22 25.41 2.58 5.44
C ARG B 22 25.81 2.49 3.97
N ALA B 23 25.03 1.76 3.19
CA ALA B 23 25.27 1.63 1.77
C ALA B 23 24.91 2.92 1.02
N ALA B 24 25.67 3.25 -0.02
CA ALA B 24 25.41 4.45 -0.81
C ALA B 24 24.06 4.39 -1.48
N PRO B 25 23.38 5.54 -1.61
CA PRO B 25 22.16 5.55 -2.43
C PRO B 25 22.47 5.38 -3.91
N ILE B 26 21.49 4.96 -4.70
CA ILE B 26 21.67 4.82 -6.15
C ILE B 26 22.05 6.18 -6.77
N GLY B 27 23.06 6.18 -7.64
CA GLY B 27 23.52 7.42 -8.24
C GLY B 27 22.79 7.82 -9.50
N ALA B 28 22.98 9.06 -9.93
CA ALA B 28 22.37 9.54 -11.15
C ALA B 28 22.75 8.69 -12.35
N ASP B 29 24.03 8.30 -12.43
CA ASP B 29 24.54 7.51 -13.55
C ASP B 29 23.83 6.16 -13.65
N GLU B 30 23.41 5.61 -12.52
CA GLU B 30 22.77 4.29 -12.54
C GLU B 30 21.34 4.40 -13.03
N TYR B 31 20.63 5.46 -12.65
CA TYR B 31 19.30 5.65 -13.20
C TYR B 31 19.37 5.73 -14.73
N GLN B 32 20.37 6.42 -15.27
CA GLN B 32 20.53 6.51 -16.72
C GLN B 32 20.83 5.15 -17.35
N GLN B 33 21.65 4.35 -16.67
CA GLN B 33 21.95 3.00 -17.15
C GLN B 33 20.67 2.18 -17.19
N ARG B 34 19.80 2.37 -16.20
CA ARG B 34 18.55 1.63 -16.13
C ARG B 34 17.61 2.02 -17.28
N ILE B 35 17.53 3.31 -17.56
CA ILE B 35 16.78 3.77 -18.72
C ILE B 35 17.33 3.19 -20.04
N GLU B 36 18.64 3.20 -20.20
CA GLU B 36 19.22 2.68 -21.44
C GLU B 36 18.95 1.19 -21.59
N ARG B 37 18.91 0.47 -20.47
CA ARG B 37 18.63 -0.96 -20.52
C ARG B 37 17.19 -1.20 -20.95
N ALA B 38 16.25 -0.41 -20.43
CA ALA B 38 14.87 -0.56 -20.84
C ALA B 38 14.69 -0.27 -22.32
N ARG B 39 15.40 0.73 -22.82
CA ARG B 39 15.35 1.07 -24.22
C ARG B 39 15.78 -0.07 -25.12
N VAL B 40 16.85 -0.78 -24.78
CA VAL B 40 17.24 -1.87 -25.69
C VAL B 40 16.27 -3.02 -25.55
N LEU B 41 15.68 -3.17 -24.36
CA LEU B 41 14.69 -4.23 -24.17
C LEU B 41 13.41 -3.91 -24.96
N MET B 42 13.04 -2.64 -24.99
CA MET B 42 11.98 -2.17 -25.89
C MET B 42 12.28 -2.52 -27.35
N ARG B 43 13.48 -2.22 -27.81
CA ARG B 43 13.86 -2.51 -29.19
C ARG B 43 13.84 -4.01 -29.46
N ALA B 44 14.29 -4.79 -28.48
CA ALA B 44 14.35 -6.24 -28.64
C ALA B 44 12.96 -6.82 -28.89
N GLN B 45 11.94 -6.06 -28.51
CA GLN B 45 10.58 -6.53 -28.46
C GLN B 45 9.68 -5.87 -29.53
N GLY B 46 10.23 -4.91 -30.25
CA GLY B 46 9.46 -4.16 -31.22
C GLY B 46 8.55 -3.14 -30.57
N VAL B 47 8.92 -2.71 -29.36
CA VAL B 47 8.18 -1.71 -28.62
C VAL B 47 8.86 -0.35 -28.74
N ASP B 48 8.09 0.71 -29.00
CA ASP B 48 8.70 2.02 -29.14
C ASP B 48 8.19 3.06 -28.12
N ALA B 49 7.28 2.64 -27.24
CA ALA B 49 6.88 3.46 -26.11
C ALA B 49 6.63 2.60 -24.87
N LEU B 50 7.11 3.07 -23.73
CA LEU B 50 7.01 2.36 -22.46
C LEU B 50 6.42 3.27 -21.39
N LEU B 51 5.28 2.89 -20.81
CA LEU B 51 4.70 3.69 -19.73
C LEU B 51 4.86 3.00 -18.38
N ILE B 52 5.53 3.68 -17.48
CA ILE B 52 5.80 3.18 -16.13
C ILE B 52 4.96 3.98 -15.13
N GLY B 53 4.16 3.32 -14.31
CA GLY B 53 3.34 4.02 -13.33
C GLY B 53 4.05 4.20 -11.99
N ALA B 54 3.57 5.16 -11.19
CA ALA B 54 4.05 5.34 -9.82
C ALA B 54 3.99 4.02 -9.08
N GLY B 55 5.06 3.72 -8.34
CA GLY B 55 5.23 2.43 -7.72
C GLY B 55 6.69 2.07 -7.76
N THR B 56 7.01 0.81 -7.48
CA THR B 56 8.41 0.41 -7.37
C THR B 56 9.13 0.55 -8.72
N SER B 57 8.42 0.40 -9.83
CA SER B 57 9.07 0.58 -11.12
C SER B 57 9.36 2.05 -11.43
N LEU B 58 8.46 2.98 -11.08
CA LEU B 58 8.79 4.39 -11.26
C LEU B 58 9.98 4.78 -10.38
N ARG B 59 10.01 4.25 -9.16
CA ARG B 59 11.15 4.49 -8.29
C ARG B 59 12.41 3.94 -8.92
N TYR B 60 12.31 2.76 -9.54
CA TYR B 60 13.47 2.15 -10.17
C TYR B 60 14.06 3.02 -11.27
N PHE B 61 13.22 3.57 -12.15
CA PHE B 61 13.75 4.30 -13.29
C PHE B 61 14.00 5.78 -13.00
N SER B 62 13.33 6.34 -12.00
CA SER B 62 13.36 7.79 -11.84
C SER B 62 13.70 8.27 -10.44
N GLY B 63 13.68 7.37 -9.46
CA GLY B 63 13.89 7.77 -8.07
C GLY B 63 12.64 8.23 -7.32
N VAL B 64 11.54 8.48 -8.03
CA VAL B 64 10.30 8.90 -7.36
C VAL B 64 9.70 7.76 -6.54
N PRO B 65 9.54 7.95 -5.21
CA PRO B 65 9.13 6.81 -4.38
C PRO B 65 7.62 6.68 -4.12
N TRP B 66 6.83 7.62 -4.62
CA TRP B 66 5.40 7.69 -4.29
C TRP B 66 4.61 6.42 -4.57
N GLY B 67 3.71 6.06 -3.65
CA GLY B 67 2.69 5.06 -3.99
C GLY B 67 1.78 5.53 -5.11
N ALA B 68 1.13 4.60 -5.82
CA ALA B 68 0.17 4.96 -6.86
C ALA B 68 -1.07 5.63 -6.25
N SER B 69 -1.70 6.52 -7.01
CA SER B 69 -3.00 7.06 -6.63
C SER B 69 -3.94 7.06 -7.84
N GLU B 70 -5.13 7.60 -7.66
CA GLU B 70 -6.10 7.72 -8.73
C GLU B 70 -5.63 8.75 -9.76
N ARG B 71 -4.69 9.61 -9.36
CA ARG B 71 -4.13 10.58 -10.30
C ARG B 71 -2.92 9.98 -11.02
N LEU B 72 -2.92 9.99 -12.35
CA LEU B 72 -1.79 9.40 -13.07
C LEU B 72 -0.50 10.17 -12.82
N VAL B 73 0.49 9.43 -12.34
CA VAL B 73 1.87 9.88 -12.24
C VAL B 73 2.68 8.80 -12.96
N ALA B 74 3.31 9.15 -14.08
CA ALA B 74 3.90 8.10 -14.91
C ALA B 74 5.10 8.59 -15.71
N LEU B 75 5.95 7.63 -16.09
CA LEU B 75 7.09 7.89 -16.94
C LEU B 75 6.85 7.23 -18.29
N LEU B 76 6.93 8.03 -19.34
CA LEU B 76 6.81 7.54 -20.71
C LEU B 76 8.19 7.51 -21.37
N LEU B 77 8.72 6.32 -21.52
CA LEU B 77 10.00 6.19 -22.21
C LEU B 77 9.81 5.88 -23.68
N THR B 78 10.49 6.63 -24.54
CA THR B 78 10.50 6.33 -25.98
C THR B 78 11.94 6.08 -26.44
N THR B 79 12.13 5.89 -27.74
CA THR B 79 13.43 5.44 -28.27
C THR B 79 14.57 6.44 -28.08
N GLU B 80 14.26 7.73 -28.02
CA GLU B 80 15.28 8.72 -27.70
C GLU B 80 14.73 9.99 -27.06
N GLY B 81 15.64 10.79 -26.51
CA GLY B 81 15.27 12.02 -25.81
C GLY B 81 15.04 11.74 -24.34
N ASP B 82 14.90 12.78 -23.53
CA ASP B 82 14.59 12.59 -22.12
C ASP B 82 13.20 11.98 -22.03
N PRO B 83 13.01 11.03 -21.11
CA PRO B 83 11.66 10.51 -21.02
C PRO B 83 10.70 11.56 -20.48
N VAL B 84 9.42 11.34 -20.71
CA VAL B 84 8.40 12.28 -20.34
C VAL B 84 7.84 11.86 -18.99
N LEU B 85 7.67 12.82 -18.10
CA LEU B 85 7.06 12.55 -16.80
C LEU B 85 5.70 13.21 -16.70
N ILE B 86 4.65 12.40 -16.67
CA ILE B 86 3.28 12.87 -16.58
C ILE B 86 2.89 12.96 -15.10
N CYS B 87 2.36 14.11 -14.69
CA CYS B 87 2.19 14.38 -13.26
C CYS B 87 1.22 15.55 -13.05
N PRO B 88 0.36 15.45 -12.01
CA PRO B 88 -0.50 16.59 -11.66
C PRO B 88 0.31 17.86 -11.50
N ALA B 89 -0.20 18.95 -12.05
CA ALA B 89 0.45 20.25 -11.95
C ALA B 89 0.76 20.62 -10.49
N PHE B 90 -0.15 20.30 -9.57
CA PHE B 90 -0.02 20.81 -8.20
C PHE B 90 1.10 20.09 -7.44
N GLU B 91 1.51 18.94 -7.97
CA GLU B 91 2.53 18.10 -7.36
C GLU B 91 3.93 18.41 -7.84
N GLU B 92 4.07 19.41 -8.72
CA GLU B 92 5.36 19.62 -9.39
C GLU B 92 6.48 19.91 -8.39
N GLY B 93 6.20 20.73 -7.39
CA GLY B 93 7.15 21.01 -6.33
C GLY B 93 7.62 19.78 -5.57
N SER B 94 6.67 18.96 -5.12
CA SER B 94 7.00 17.72 -4.40
C SER B 94 7.79 16.78 -5.30
N LEU B 95 7.40 16.77 -6.58
CA LEU B 95 8.07 15.92 -7.56
C LEU B 95 9.53 16.30 -7.73
N ASP B 96 9.81 17.60 -7.82
CA ASP B 96 11.17 18.07 -8.01
C ASP B 96 12.07 17.65 -6.85
N ALA B 97 11.48 17.50 -5.67
CA ALA B 97 12.28 17.19 -4.47
C ALA B 97 12.75 15.74 -4.45
N VAL B 98 12.19 14.90 -5.31
CA VAL B 98 12.50 13.47 -5.30
C VAL B 98 13.03 12.89 -6.63
N LEU B 99 12.84 13.62 -7.72
CA LEU B 99 13.27 13.14 -9.04
C LEU B 99 14.79 13.02 -9.14
N GLN B 100 15.29 11.87 -9.60
CA GLN B 100 16.73 11.67 -9.77
C GLN B 100 17.14 11.52 -11.24
N LEU B 101 16.16 11.65 -12.14
CA LEU B 101 16.36 11.48 -13.57
C LEU B 101 15.93 12.75 -14.32
N PRO B 102 16.73 13.21 -15.29
CA PRO B 102 16.24 14.32 -16.11
C PRO B 102 15.05 13.89 -16.96
N VAL B 103 13.97 14.66 -16.93
CA VAL B 103 12.75 14.32 -17.66
C VAL B 103 12.15 15.53 -18.34
N ARG B 104 11.25 15.27 -19.28
CA ARG B 104 10.42 16.33 -19.84
C ARG B 104 9.03 16.25 -19.17
N LYS B 105 8.75 17.22 -18.29
CA LYS B 105 7.49 17.22 -17.54
C LYS B 105 6.30 17.52 -18.43
N ARG B 106 5.23 16.76 -18.24
CA ARG B 106 3.96 17.06 -18.87
C ARG B 106 2.94 17.10 -17.75
N LEU B 107 2.62 18.31 -17.33
CA LEU B 107 1.80 18.49 -16.14
C LEU B 107 0.35 18.67 -16.56
N TRP B 108 -0.57 18.08 -15.79
CA TRP B 108 -2.00 18.20 -16.08
C TRP B 108 -2.77 18.80 -14.90
N GLU B 109 -3.68 19.71 -15.20
CA GLU B 109 -4.57 20.27 -14.19
C GLU B 109 -5.67 19.26 -13.87
N GLU B 110 -6.34 19.46 -12.74
CA GLU B 110 -7.21 18.41 -12.19
C GLU B 110 -8.31 17.89 -13.13
N HIS B 111 -8.85 18.78 -13.96
CA HIS B 111 -9.99 18.44 -14.82
C HIS B 111 -9.52 17.91 -16.18
N GLU B 112 -8.22 17.94 -16.40
CA GLU B 112 -7.63 17.53 -17.66
C GLU B 112 -7.36 16.03 -17.72
N ASP B 113 -7.35 15.49 -18.94
CA ASP B 113 -7.16 14.07 -19.20
C ASP B 113 -5.66 13.75 -19.29
N PRO B 114 -5.08 13.08 -18.29
CA PRO B 114 -3.64 12.84 -18.38
C PRO B 114 -3.30 11.77 -19.40
N TYR B 115 -4.27 10.92 -19.75
CA TYR B 115 -3.99 9.86 -20.72
C TYR B 115 -3.81 10.49 -22.08
N ALA B 116 -4.52 11.59 -22.31
CA ALA B 116 -4.39 12.37 -23.52
C ALA B 116 -2.94 12.85 -23.68
N LEU B 117 -2.31 13.25 -22.57
CA LEU B 117 -0.93 13.70 -22.62
C LEU B 117 0.05 12.58 -22.98
N VAL B 118 -0.24 11.37 -22.53
CA VAL B 118 0.61 10.23 -22.86
C VAL B 118 0.56 10.02 -24.35
N VAL B 119 -0.64 10.03 -24.91
CA VAL B 119 -0.79 9.71 -26.33
C VAL B 119 -0.31 10.85 -27.23
N GLN B 120 -0.45 12.09 -26.77
CA GLN B 120 0.13 13.21 -27.49
C GLN B 120 1.65 13.06 -27.58
N ALA B 121 2.29 12.72 -26.45
CA ALA B 121 3.73 12.49 -26.42
C ALA B 121 4.15 11.33 -27.33
N MET B 122 3.33 10.28 -27.38
CA MET B 122 3.60 9.18 -28.30
C MET B 122 3.52 9.68 -29.74
N ASP B 123 2.47 10.43 -30.06
CA ASP B 123 2.24 10.92 -31.41
C ASP B 123 3.37 11.82 -31.88
N GLU B 124 3.89 12.64 -30.98
CA GLU B 124 4.98 13.56 -31.35
C GLU B 124 6.25 12.81 -31.72
N GLN B 125 6.42 11.63 -31.15
CA GLN B 125 7.62 10.85 -31.41
C GLN B 125 7.34 9.69 -32.36
N HIS B 126 6.16 9.72 -32.97
CA HIS B 126 5.76 8.72 -33.96
C HIS B 126 5.91 7.34 -33.36
N ALA B 127 5.48 7.22 -32.10
CA ALA B 127 5.48 5.94 -31.41
C ALA B 127 4.08 5.34 -31.52
N HIS B 128 4.00 4.07 -31.87
CA HIS B 128 2.71 3.45 -32.14
C HIS B 128 2.59 2.11 -31.44
N ALA B 129 3.62 1.76 -30.66
CA ALA B 129 3.71 0.44 -30.07
C ALA B 129 4.02 0.55 -28.59
N LEU B 130 2.98 0.76 -27.80
CA LEU B 130 3.13 1.00 -26.37
C LEU B 130 3.18 -0.29 -25.58
N ALA B 131 4.05 -0.35 -24.59
CA ALA B 131 4.01 -1.43 -23.62
C ALA B 131 3.64 -0.78 -22.28
N LEU B 132 2.76 -1.43 -21.54
CA LEU B 132 2.23 -0.83 -20.32
C LEU B 132 2.62 -1.64 -19.10
N ASP B 133 3.09 -0.93 -18.07
CA ASP B 133 3.46 -1.46 -16.76
C ASP B 133 2.39 -2.41 -16.21
N PRO B 134 2.73 -3.71 -16.02
CA PRO B 134 1.70 -4.63 -15.56
C PRO B 134 1.29 -4.39 -14.10
N GLY B 135 2.06 -3.59 -13.37
CA GLY B 135 1.71 -3.26 -11.99
C GLY B 135 0.77 -2.07 -11.89
N ILE B 136 0.53 -1.40 -13.02
CA ILE B 136 -0.30 -0.18 -13.03
C ILE B 136 -1.78 -0.55 -12.86
N ALA B 137 -2.59 0.36 -12.35
CA ALA B 137 -4.02 0.06 -12.21
C ALA B 137 -4.64 -0.16 -13.57
N PHE B 138 -5.59 -1.10 -13.64
CA PHE B 138 -6.31 -1.36 -14.89
C PHE B 138 -7.02 -0.10 -15.42
N ALA B 139 -7.32 0.85 -14.54
CA ALA B 139 -7.97 2.10 -14.96
C ALA B 139 -7.07 2.84 -15.96
N VAL B 140 -5.76 2.64 -15.85
CA VAL B 140 -4.84 3.30 -16.77
C VAL B 140 -4.96 2.64 -18.15
N HIS B 141 -5.17 1.33 -18.18
CA HIS B 141 -5.40 0.67 -19.46
C HIS B 141 -6.67 1.24 -20.05
N THR B 142 -7.71 1.40 -19.24
CA THR B 142 -8.96 1.94 -19.76
C THR B 142 -8.73 3.32 -20.31
N GLY B 143 -7.96 4.13 -19.59
CA GLY B 143 -7.73 5.51 -19.98
C GLY B 143 -6.91 5.62 -21.25
N LEU B 144 -5.94 4.72 -21.43
CA LEU B 144 -5.10 4.76 -22.63
C LEU B 144 -5.85 4.17 -23.81
N ARG B 145 -6.59 3.08 -23.57
CA ARG B 145 -7.41 2.47 -24.65
C ARG B 145 -8.42 3.47 -25.18
N ALA B 146 -8.85 4.40 -24.31
CA ALA B 146 -9.78 5.43 -24.75
C ALA B 146 -9.18 6.25 -25.88
N HIS B 147 -7.86 6.34 -25.93
CA HIS B 147 -7.17 7.16 -26.93
C HIS B 147 -6.40 6.36 -27.99
N LEU B 148 -6.33 5.03 -27.85
CA LEU B 148 -5.52 4.21 -28.73
C LEU B 148 -6.31 3.10 -29.41
N GLY B 149 -6.20 3.01 -30.72
CA GLY B 149 -6.81 1.93 -31.46
C GLY B 149 -5.81 0.81 -31.64
N THR B 150 -4.56 1.11 -31.33
CA THR B 150 -3.46 0.17 -31.53
C THR B 150 -3.20 -0.74 -30.33
N ALA B 151 -2.38 -1.76 -30.53
CA ALA B 151 -2.09 -2.71 -29.47
C ALA B 151 -1.46 -2.03 -28.28
N ILE B 152 -1.88 -2.45 -27.10
CA ILE B 152 -1.21 -2.10 -25.85
C ILE B 152 -0.61 -3.38 -25.26
N ARG B 153 0.71 -3.47 -25.27
CA ARG B 153 1.37 -4.69 -24.80
C ARG B 153 1.67 -4.63 -23.30
N ASP B 154 1.93 -5.80 -22.72
CA ASP B 154 2.33 -5.92 -21.32
C ASP B 154 3.84 -5.68 -21.19
N ALA B 155 4.22 -4.76 -20.33
CA ALA B 155 5.63 -4.37 -20.21
C ALA B 155 6.44 -5.24 -19.23
N GLY B 156 5.88 -6.36 -18.79
CA GLY B 156 6.54 -7.21 -17.81
C GLY B 156 7.95 -7.62 -18.20
N ALA B 157 8.12 -8.08 -19.44
CA ALA B 157 9.41 -8.58 -19.88
C ALA B 157 10.48 -7.48 -19.88
N ILE B 158 10.07 -6.28 -20.22
CA ILE B 158 10.99 -5.15 -20.25
C ILE B 158 11.40 -4.78 -18.83
N ILE B 159 10.42 -4.67 -17.95
CA ILE B 159 10.70 -4.28 -16.56
C ILE B 159 11.52 -5.35 -15.83
N ASP B 160 11.10 -6.61 -15.90
CA ASP B 160 11.88 -7.69 -15.28
C ASP B 160 13.28 -7.79 -15.87
N GLY B 161 13.38 -7.58 -17.18
CA GLY B 161 14.66 -7.63 -17.88
C GLY B 161 15.66 -6.64 -17.30
N CYS B 162 15.15 -5.53 -16.76
CA CYS B 162 16.00 -4.57 -16.03
C CYS B 162 16.21 -4.97 -14.56
N ARG B 163 15.10 -5.21 -13.87
CA ARG B 163 15.11 -5.27 -12.40
C ARG B 163 15.61 -6.59 -11.84
N MET B 164 15.49 -7.69 -12.58
CA MET B 164 15.80 -8.99 -11.98
C MET B 164 17.24 -9.07 -11.50
N CYS B 165 18.18 -8.59 -12.32
CA CYS B 165 19.60 -8.64 -11.95
C CYS B 165 20.03 -7.35 -11.26
N LYS B 166 20.52 -7.47 -10.03
CA LYS B 166 20.83 -6.30 -9.23
C LYS B 166 22.27 -5.83 -9.46
N SER B 167 22.46 -4.53 -9.48
CA SER B 167 23.79 -3.95 -9.52
C SER B 167 24.50 -4.11 -8.15
N PRO B 168 25.81 -3.82 -8.10
CA PRO B 168 26.49 -3.88 -6.79
C PRO B 168 25.90 -2.89 -5.78
N ALA B 169 25.52 -1.70 -6.23
CA ALA B 169 24.90 -0.74 -5.30
C ALA B 169 23.55 -1.24 -4.79
N GLU B 170 22.79 -1.89 -5.67
CA GLU B 170 21.51 -2.46 -5.26
C GLU B 170 21.69 -3.57 -4.25
N LEU B 171 22.70 -4.41 -4.48
CA LEU B 171 23.03 -5.50 -3.57
C LEU B 171 23.41 -4.97 -2.20
N ALA B 172 24.18 -3.88 -2.19
CA ALA B 172 24.66 -3.34 -0.93
C ALA B 172 23.52 -2.73 -0.09
N LEU B 173 22.51 -2.18 -0.75
CA LEU B 173 21.36 -1.60 -0.05
C LEU B 173 20.49 -2.70 0.56
N MET B 174 20.18 -3.71 -0.25
CA MET B 174 19.51 -4.90 0.26
C MET B 174 20.34 -5.54 1.39
N GLN B 175 21.66 -5.56 1.24
CA GLN B 175 22.51 -6.19 2.27
C GLN B 175 22.36 -5.48 3.59
N GLN B 176 22.31 -4.14 3.54
CA GLN B 176 22.15 -3.35 4.76
C GLN B 176 20.80 -3.64 5.42
N ALA B 177 19.72 -3.58 4.63
CA ALA B 177 18.37 -3.87 5.13
C ALA B 177 18.34 -5.25 5.79
N CYS B 178 18.98 -6.23 5.15
CA CYS B 178 19.02 -7.58 5.69
C CYS B 178 19.83 -7.65 6.99
N ASP B 179 20.98 -6.98 7.03
CA ASP B 179 21.80 -6.98 8.26
C ASP B 179 21.03 -6.38 9.42
N MET B 180 20.32 -5.29 9.13
CA MET B 180 19.50 -4.64 10.13
C MET B 180 18.41 -5.58 10.68
N THR B 181 17.63 -6.14 9.76
CA THR B 181 16.50 -7.00 10.12
C THR B 181 16.99 -8.25 10.84
N LEU B 182 18.17 -8.76 10.46
CA LEU B 182 18.75 -9.91 11.14
C LEU B 182 19.01 -9.57 12.60
N LEU B 183 19.57 -8.40 12.86
CA LEU B 183 19.76 -7.94 14.24
C LEU B 183 18.40 -7.76 14.93
N VAL B 184 17.42 -7.19 14.25
CA VAL B 184 16.10 -7.05 14.86
C VAL B 184 15.53 -8.42 15.22
N GLN B 185 15.72 -9.40 14.34
CA GLN B 185 15.32 -10.78 14.63
C GLN B 185 16.03 -11.35 15.86
N ARG B 186 17.31 -11.05 16.00
CA ARG B 186 18.07 -11.52 17.15
C ARG B 186 17.52 -10.90 18.44
N LEU B 187 17.31 -9.59 18.43
CA LEU B 187 16.82 -8.90 19.61
C LEU B 187 15.41 -9.37 19.97
N ALA B 188 14.62 -9.69 18.96
CA ALA B 188 13.25 -10.13 19.19
C ALA B 188 13.21 -11.47 19.92
N ALA B 189 14.02 -12.40 19.43
CA ALA B 189 14.20 -13.68 20.11
C ALA B 189 14.72 -13.43 21.52
N GLY B 190 15.57 -12.43 21.67
CA GLY B 190 16.18 -12.16 22.97
C GLY B 190 15.23 -11.71 24.09
N ILE B 191 14.24 -10.89 23.74
CA ILE B 191 13.34 -10.35 24.74
C ILE B 191 12.12 -11.23 24.96
N ALA B 192 12.03 -12.31 24.16
CA ALA B 192 10.97 -13.29 24.32
C ALA B 192 10.92 -13.84 25.75
N HIS B 193 9.70 -14.01 26.26
CA HIS B 193 9.51 -14.55 27.60
C HIS B 193 8.09 -15.07 27.75
N GLU B 194 7.87 -15.92 28.74
CA GLU B 194 6.54 -16.45 29.02
C GLU B 194 5.51 -15.32 29.10
N GLY B 195 4.43 -15.44 28.33
CA GLY B 195 3.33 -14.49 28.39
C GLY B 195 3.44 -13.28 27.47
N ILE B 196 4.58 -13.10 26.82
CA ILE B 196 4.75 -11.94 25.96
C ILE B 196 3.72 -12.04 24.82
N GLY B 197 3.20 -10.89 24.37
CA GLY B 197 2.17 -10.89 23.36
C GLY B 197 2.71 -10.82 21.95
N THR B 198 1.96 -11.32 20.97
CA THR B 198 2.34 -11.16 19.57
C THR B 198 2.36 -9.68 19.22
N ASP B 199 1.40 -8.94 19.77
CA ASP B 199 1.31 -7.50 19.48
C ASP B 199 2.55 -6.77 20.02
N GLN B 200 3.06 -7.20 21.18
CA GLN B 200 4.23 -6.59 21.79
C GLN B 200 5.51 -6.83 20.99
N LEU B 201 5.65 -8.03 20.43
CA LEU B 201 6.79 -8.35 19.59
C LEU B 201 6.77 -7.50 18.31
N VAL B 202 5.59 -7.41 17.71
CA VAL B 202 5.40 -6.60 16.51
C VAL B 202 5.78 -5.14 16.77
N ARG B 203 5.39 -4.61 17.91
CA ARG B 203 5.71 -3.22 18.21
C ARG B 203 7.21 -3.05 18.42
N PHE B 204 7.84 -3.98 19.12
CA PHE B 204 9.27 -3.86 19.34
C PHE B 204 10.05 -3.91 18.03
N ILE B 205 9.63 -4.81 17.14
CA ILE B 205 10.31 -5.00 15.87
C ILE B 205 10.20 -3.73 15.01
N ASP B 206 9.05 -3.08 15.04
CA ASP B 206 8.89 -1.81 14.35
C ASP B 206 9.79 -0.76 14.96
N GLU B 207 9.76 -0.66 16.28
CA GLU B 207 10.58 0.28 17.02
C GLU B 207 12.06 0.11 16.69
N ALA B 208 12.48 -1.16 16.61
CA ALA B 208 13.88 -1.51 16.38
C ALA B 208 14.31 -1.14 14.97
N HIS B 209 13.49 -1.52 13.99
CA HIS B 209 13.77 -1.17 12.59
C HIS B 209 13.98 0.34 12.46
N ARG B 210 13.15 1.12 13.16
CA ARG B 210 13.26 2.59 13.12
C ARG B 210 14.54 3.10 13.73
N ALA B 211 14.86 2.59 14.92
CA ALA B 211 16.02 3.06 15.66
C ALA B 211 17.27 2.81 14.83
N LEU B 212 17.26 1.69 14.12
CA LEU B 212 18.39 1.26 13.29
C LEU B 212 18.55 2.11 12.05
N GLY B 213 17.49 2.82 11.65
CA GLY B 213 17.56 3.69 10.49
C GLY B 213 16.93 3.12 9.24
N ALA B 214 15.93 2.27 9.40
CA ALA B 214 15.13 1.82 8.24
C ALA B 214 14.40 3.01 7.62
N ASP B 215 13.88 2.83 6.41
CA ASP B 215 13.09 3.88 5.77
C ASP B 215 11.85 4.24 6.59
N ASN B 216 11.09 3.22 6.99
CA ASN B 216 9.82 3.45 7.65
C ASN B 216 9.43 2.29 8.55
N GLY B 217 10.22 2.11 9.62
CA GLY B 217 10.06 0.99 10.52
C GLY B 217 9.93 -0.34 9.81
N SER B 218 9.05 -1.20 10.33
CA SER B 218 8.82 -2.48 9.71
C SER B 218 7.96 -2.34 8.44
N THR B 219 8.41 -2.96 7.35
CA THR B 219 7.61 -3.00 6.13
C THR B 219 6.35 -3.80 6.38
N PHE B 220 6.53 -4.86 7.16
CA PHE B 220 5.46 -5.80 7.46
C PHE B 220 5.96 -6.60 8.63
N CYS B 221 5.07 -7.34 9.27
CA CYS B 221 5.49 -8.17 10.37
C CYS B 221 4.44 -9.20 10.69
N ILE B 222 4.83 -10.46 10.57
CA ILE B 222 4.00 -11.57 10.95
C ILE B 222 4.64 -12.24 12.16
N VAL B 223 3.90 -12.32 13.26
CA VAL B 223 4.34 -13.01 14.45
C VAL B 223 3.27 -14.01 14.88
N GLN B 224 3.61 -15.30 14.87
CA GLN B 224 2.66 -16.31 15.33
C GLN B 224 3.30 -17.26 16.35
N PHE B 225 2.48 -17.76 17.28
CA PHE B 225 2.89 -18.69 18.33
C PHE B 225 2.16 -20.02 18.22
N GLY B 226 2.84 -21.11 18.59
CA GLY B 226 2.18 -22.38 18.76
C GLY B 226 1.48 -22.88 17.51
N HIS B 227 0.20 -23.25 17.64
CA HIS B 227 -0.55 -23.81 16.51
C HIS B 227 -0.71 -22.79 15.38
N ALA B 228 -0.66 -21.51 15.71
CA ALA B 228 -0.89 -20.45 14.73
C ALA B 228 0.22 -20.39 13.69
N THR B 229 1.36 -21.01 13.99
CA THR B 229 2.46 -21.03 13.04
C THR B 229 2.14 -21.88 11.81
N ALA B 230 1.02 -22.60 11.83
CA ALA B 230 0.61 -23.41 10.67
C ALA B 230 0.02 -22.56 9.53
N PHE B 231 -0.29 -21.28 9.78
CA PHE B 231 -0.85 -20.41 8.75
C PHE B 231 0.22 -19.51 8.18
N PRO B 232 0.63 -19.76 6.91
CA PRO B 232 1.75 -19.05 6.26
C PRO B 232 1.68 -17.54 6.41
N HIS B 233 0.51 -16.94 6.20
CA HIS B 233 0.39 -15.50 6.38
C HIS B 233 -0.39 -15.17 7.65
N GLY B 234 -0.56 -16.16 8.52
CA GLY B 234 -1.19 -15.95 9.81
C GLY B 234 -2.68 -15.70 9.75
N ILE B 235 -3.25 -15.41 10.92
CA ILE B 235 -4.69 -15.15 11.06
C ILE B 235 -4.93 -14.07 12.13
N PRO B 236 -6.14 -13.47 12.15
CA PRO B 236 -6.39 -12.42 13.15
C PRO B 236 -6.22 -12.90 14.60
N GLY B 237 -5.88 -11.99 15.50
CA GLY B 237 -5.89 -12.29 16.92
C GLY B 237 -4.55 -12.23 17.60
N VAL B 238 -4.53 -11.64 18.79
CA VAL B 238 -3.33 -11.56 19.61
C VAL B 238 -3.12 -12.88 20.35
N GLN B 239 -1.86 -13.29 20.47
CA GLN B 239 -1.50 -14.46 21.27
C GLN B 239 -0.50 -14.12 22.36
N HIS B 240 -0.43 -14.95 23.39
CA HIS B 240 0.56 -14.75 24.43
C HIS B 240 1.39 -16.01 24.59
N LEU B 241 2.70 -15.84 24.71
CA LEU B 241 3.65 -16.93 24.52
C LEU B 241 3.57 -17.95 25.65
N ARG B 242 3.61 -19.24 25.29
CA ARG B 242 3.63 -20.31 26.27
C ARG B 242 4.86 -21.19 26.09
N ALA B 243 5.31 -21.81 27.17
CA ALA B 243 6.41 -22.78 27.11
C ALA B 243 6.02 -23.93 26.17
N GLY B 244 6.98 -24.40 25.39
CA GLY B 244 6.74 -25.50 24.48
C GLY B 244 6.20 -25.10 23.13
N GLU B 245 5.98 -23.80 22.93
CA GLU B 245 5.45 -23.27 21.67
C GLU B 245 6.56 -22.80 20.73
N LEU B 246 6.40 -23.08 19.44
CA LEU B 246 7.24 -22.47 18.43
C LEU B 246 6.84 -21.02 18.22
N VAL B 247 7.82 -20.19 17.89
CA VAL B 247 7.54 -18.80 17.55
C VAL B 247 8.00 -18.60 16.14
N LEU B 248 7.12 -18.06 15.30
CA LEU B 248 7.49 -17.73 13.93
C LEU B 248 7.47 -16.23 13.72
N ILE B 249 8.56 -15.67 13.20
CA ILE B 249 8.59 -14.24 12.95
C ILE B 249 9.04 -13.98 11.51
N ASP B 250 8.17 -13.34 10.75
CA ASP B 250 8.51 -12.98 9.36
C ASP B 250 8.41 -11.46 9.22
N THR B 251 9.54 -10.82 8.96
CA THR B 251 9.56 -9.36 8.93
C THR B 251 10.67 -8.83 8.04
N GLY B 252 10.66 -7.52 7.86
CA GLY B 252 11.59 -6.87 6.97
C GLY B 252 11.44 -5.38 7.07
N CYS B 253 12.41 -4.68 6.46
CA CYS B 253 12.34 -3.24 6.35
C CYS B 253 12.81 -2.85 4.96
N THR B 254 12.91 -1.54 4.69
CA THR B 254 13.57 -1.12 3.46
C THR B 254 14.65 -0.11 3.77
N VAL B 255 15.67 -0.08 2.91
CA VAL B 255 16.71 0.94 2.96
C VAL B 255 16.83 1.50 1.55
N GLN B 256 16.55 2.79 1.39
CA GLN B 256 16.47 3.40 0.06
C GLN B 256 15.51 2.62 -0.82
N GLY B 257 14.49 2.02 -0.19
CA GLY B 257 13.46 1.30 -0.92
C GLY B 257 13.69 -0.20 -1.11
N TYR B 258 14.93 -0.65 -0.87
CA TYR B 258 15.27 -2.05 -1.08
C TYR B 258 14.93 -2.90 0.13
N HIS B 259 14.33 -4.05 -0.13
CA HIS B 259 13.74 -4.86 0.92
C HIS B 259 14.62 -5.91 1.57
N SER B 260 14.50 -6.02 2.89
CA SER B 260 14.78 -7.25 3.59
C SER B 260 13.47 -7.98 3.86
N ASP B 261 13.60 -9.24 4.22
CA ASP B 261 12.48 -10.15 4.33
C ASP B 261 13.03 -11.48 4.87
N ILE B 262 12.97 -11.63 6.19
CA ILE B 262 13.61 -12.75 6.88
C ILE B 262 12.62 -13.43 7.82
N THR B 263 12.63 -14.76 7.81
CA THR B 263 11.78 -15.49 8.74
C THR B 263 12.59 -16.39 9.62
N ARG B 264 12.24 -16.39 10.90
CA ARG B 264 12.82 -17.28 11.88
C ARG B 264 11.69 -18.04 12.57
N THR B 265 11.91 -19.32 12.80
CA THR B 265 11.00 -20.12 13.62
C THR B 265 11.81 -20.81 14.70
N TRP B 266 11.52 -20.53 15.98
CA TRP B 266 12.26 -21.15 17.06
C TRP B 266 11.36 -21.56 18.23
N ILE B 267 11.84 -22.53 19.01
CA ILE B 267 11.08 -23.04 20.14
C ILE B 267 11.31 -22.18 21.39
N TYR B 268 10.23 -21.84 22.08
CA TYR B 268 10.36 -21.26 23.40
C TYR B 268 10.10 -22.39 24.36
N GLY B 269 11.13 -22.78 25.11
CA GLY B 269 11.05 -23.95 25.97
C GLY B 269 11.56 -25.23 25.29
N THR B 270 11.02 -26.37 25.71
CA THR B 270 11.42 -27.66 25.16
C THR B 270 10.56 -28.05 23.96
N PRO B 271 11.20 -28.43 22.84
CA PRO B 271 10.42 -28.86 21.67
C PRO B 271 10.03 -30.33 21.75
N SER B 272 8.94 -30.68 21.06
CA SER B 272 8.52 -32.08 20.91
C SER B 272 9.35 -32.76 19.82
N ASP B 273 9.31 -34.09 19.78
CA ASP B 273 9.98 -34.84 18.71
C ASP B 273 9.55 -34.37 17.34
N ALA B 274 8.24 -34.20 17.16
CA ALA B 274 7.70 -33.77 15.87
C ALA B 274 8.25 -32.40 15.47
N GLN B 275 8.23 -31.47 16.42
CA GLN B 275 8.78 -30.14 16.18
C GLN B 275 10.26 -30.21 15.78
N GLN B 276 11.04 -31.03 16.47
CA GLN B 276 12.46 -31.14 16.17
C GLN B 276 12.68 -31.70 14.78
N ARG B 277 11.97 -32.80 14.46
CA ARG B 277 12.15 -33.44 13.14
C ARG B 277 11.76 -32.51 12.01
N ILE B 278 10.62 -31.83 12.17
CA ILE B 278 10.14 -30.94 11.12
C ILE B 278 11.05 -29.72 11.01
N TRP B 279 11.58 -29.25 12.15
CA TRP B 279 12.51 -28.12 12.07
C TRP B 279 13.75 -28.54 11.26
N GLU B 280 14.32 -29.68 11.60
CA GLU B 280 15.48 -30.18 10.89
C GLU B 280 15.21 -30.30 9.39
N LEU B 281 14.02 -30.81 9.07
CA LEU B 281 13.66 -31.03 7.67
C LEU B 281 13.58 -29.72 6.89
N GLU B 282 13.12 -28.67 7.58
CA GLU B 282 12.99 -27.36 6.98
C GLU B 282 14.35 -26.76 6.66
N LEU B 283 15.28 -26.90 7.59
CA LEU B 283 16.64 -26.45 7.35
C LEU B 283 17.21 -27.20 6.15
N ALA B 284 16.97 -28.49 6.10
CA ALA B 284 17.46 -29.33 4.99
C ALA B 284 16.83 -28.96 3.65
N ALA B 285 15.54 -28.63 3.66
CA ALA B 285 14.88 -28.25 2.41
C ALA B 285 15.43 -26.92 1.89
N GLN B 286 15.65 -25.99 2.82
CA GLN B 286 16.19 -24.69 2.47
C GLN B 286 17.62 -24.82 1.98
N ALA B 287 18.38 -25.70 2.63
CA ALA B 287 19.77 -25.92 2.25
C ALA B 287 19.85 -26.50 0.84
N ALA B 288 18.95 -27.43 0.54
CA ALA B 288 18.97 -28.07 -0.77
C ALA B 288 18.59 -27.09 -1.87
N ALA B 289 17.60 -26.22 -1.61
CA ALA B 289 17.22 -25.18 -2.57
C ALA B 289 18.42 -24.29 -2.87
N PHE B 290 19.13 -23.89 -1.83
CA PHE B 290 20.30 -23.05 -2.02
C PHE B 290 21.39 -23.76 -2.83
N ALA B 291 21.65 -25.03 -2.49
CA ALA B 291 22.69 -25.81 -3.16
C ALA B 291 22.37 -26.03 -4.62
N ALA B 292 21.10 -25.90 -4.99
CA ALA B 292 20.67 -26.03 -6.38
C ALA B 292 20.95 -24.77 -7.22
N VAL B 293 21.18 -23.63 -6.57
CA VAL B 293 21.32 -22.37 -7.31
C VAL B 293 22.69 -22.21 -7.96
N ARG B 294 22.67 -21.96 -9.27
CA ARG B 294 23.85 -21.59 -10.05
C ARG B 294 23.30 -21.03 -11.38
N PRO B 295 24.11 -20.23 -12.11
CA PRO B 295 23.60 -19.70 -13.38
C PRO B 295 23.09 -20.79 -14.34
N GLY B 296 21.90 -20.57 -14.88
CA GLY B 296 21.32 -21.47 -15.86
C GLY B 296 20.25 -22.38 -15.29
N VAL B 297 20.27 -22.57 -13.98
CA VAL B 297 19.28 -23.41 -13.33
C VAL B 297 17.95 -22.68 -13.32
N ALA B 298 16.89 -23.37 -13.71
CA ALA B 298 15.57 -22.77 -13.79
C ALA B 298 15.01 -22.51 -12.41
N CYS B 299 14.24 -21.46 -12.24
CA CYS B 299 13.59 -21.18 -10.96
C CYS B 299 12.82 -22.39 -10.45
N GLU B 300 12.15 -23.12 -11.35
CA GLU B 300 11.34 -24.26 -10.91
C GLU B 300 12.21 -25.38 -10.36
N ALA B 301 13.46 -25.47 -10.80
CA ALA B 301 14.34 -26.52 -10.32
C ALA B 301 14.78 -26.25 -8.88
N VAL B 302 14.87 -24.98 -8.51
CA VAL B 302 15.18 -24.62 -7.13
C VAL B 302 14.00 -25.00 -6.25
N ASP B 303 12.78 -24.75 -6.72
CA ASP B 303 11.59 -25.10 -5.97
C ASP B 303 11.54 -26.63 -5.82
N GLN B 304 11.79 -27.33 -6.91
CA GLN B 304 11.80 -28.80 -6.91
C GLN B 304 12.85 -29.41 -5.98
N ALA B 305 14.00 -28.76 -5.84
CA ALA B 305 15.04 -29.28 -4.92
C ALA B 305 14.55 -29.29 -3.47
N ALA B 306 13.82 -28.25 -3.07
CA ALA B 306 13.24 -28.21 -1.73
C ALA B 306 12.18 -29.29 -1.57
N ARG B 307 11.34 -29.48 -2.59
CA ARG B 307 10.27 -30.45 -2.52
C ARG B 307 10.82 -31.87 -2.50
N ALA B 308 11.94 -32.08 -3.18
CA ALA B 308 12.51 -33.41 -3.24
C ALA B 308 12.99 -33.84 -1.86
N VAL B 309 13.53 -32.89 -1.10
CA VAL B 309 13.93 -33.16 0.28
C VAL B 309 12.73 -33.59 1.12
N LEU B 310 11.61 -32.89 0.93
CA LEU B 310 10.43 -33.16 1.73
C LEU B 310 9.83 -34.50 1.33
N GLN B 311 9.80 -34.80 0.04
CA GLN B 311 9.20 -36.04 -0.43
C GLN B 311 10.05 -37.23 0.00
N ALA B 312 11.37 -37.05 -0.05
CA ALA B 312 12.29 -38.07 0.44
C ALA B 312 12.00 -38.45 1.89
N ALA B 313 11.56 -37.48 2.69
CA ALA B 313 11.31 -37.70 4.11
C ALA B 313 9.90 -38.19 4.33
N GLY B 314 9.14 -38.37 3.25
CA GLY B 314 7.77 -38.86 3.35
C GLY B 314 6.70 -37.79 3.48
N LEU B 315 7.06 -36.53 3.26
CA LEU B 315 6.06 -35.46 3.24
C LEU B 315 5.59 -35.22 1.80
N GLY B 316 4.69 -34.25 1.61
CA GLY B 316 4.18 -33.99 0.27
C GLY B 316 3.41 -35.19 -0.29
N PRO B 317 3.52 -35.44 -1.60
CA PRO B 317 4.37 -34.72 -2.56
C PRO B 317 3.68 -33.44 -2.97
N ASP B 318 4.18 -32.79 -4.02
CA ASP B 318 3.53 -31.60 -4.55
C ASP B 318 3.26 -30.59 -3.43
N TYR B 319 2.02 -30.16 -3.28
CA TYR B 319 1.71 -29.22 -2.20
C TYR B 319 0.94 -29.87 -1.06
N ARG B 320 0.85 -31.20 -1.10
CA ARG B 320 0.11 -31.95 -0.08
C ARG B 320 0.72 -31.77 1.31
N LEU B 321 -0.15 -31.72 2.31
CA LEU B 321 0.31 -31.44 3.67
C LEU B 321 0.18 -32.67 4.58
N PRO B 322 1.10 -32.81 5.56
CA PRO B 322 2.26 -31.95 5.82
C PRO B 322 3.21 -31.86 4.63
N GLY B 323 3.70 -30.67 4.39
CA GLY B 323 4.56 -30.41 3.26
C GLY B 323 4.63 -28.92 3.04
N LEU B 324 4.93 -28.54 1.81
CA LEU B 324 5.16 -27.16 1.41
C LEU B 324 4.00 -26.71 0.51
N PRO B 325 3.08 -25.91 1.08
CA PRO B 325 1.82 -25.59 0.41
C PRO B 325 1.96 -24.52 -0.67
N HIS B 326 3.05 -23.78 -0.66
CA HIS B 326 3.22 -22.70 -1.62
C HIS B 326 4.62 -22.78 -2.22
N ARG B 327 4.99 -21.78 -3.02
CA ARG B 327 6.27 -21.79 -3.73
C ARG B 327 7.43 -21.69 -2.75
N THR B 328 8.62 -22.06 -3.20
CA THR B 328 9.82 -22.01 -2.39
C THR B 328 10.31 -20.58 -2.08
N GLY B 329 10.16 -19.69 -3.05
CA GLY B 329 10.47 -18.29 -2.81
C GLY B 329 10.06 -17.32 -3.89
N HIS B 330 10.35 -16.04 -3.66
CA HIS B 330 10.01 -14.96 -4.58
C HIS B 330 11.24 -14.11 -4.80
N GLY B 331 11.33 -13.45 -5.95
CA GLY B 331 12.35 -12.44 -6.14
C GLY B 331 12.10 -11.29 -5.20
N CYS B 332 13.08 -10.43 -5.05
CA CYS B 332 12.97 -9.35 -4.10
C CYS B 332 13.89 -8.24 -4.53
N GLY B 333 13.44 -7.00 -4.36
CA GLY B 333 14.27 -5.87 -4.70
C GLY B 333 13.64 -4.60 -4.17
N LEU B 334 13.24 -3.72 -5.08
CA LEU B 334 12.50 -2.53 -4.66
C LEU B 334 11.08 -2.91 -4.25
N ALA B 335 10.65 -4.09 -4.66
CA ALA B 335 9.39 -4.65 -4.18
C ALA B 335 9.66 -5.85 -3.31
N ILE B 336 8.76 -6.10 -2.36
CA ILE B 336 8.91 -7.26 -1.51
C ILE B 336 8.82 -8.54 -2.35
N HIS B 337 7.92 -8.55 -3.33
CA HIS B 337 7.72 -9.64 -4.27
C HIS B 337 7.96 -9.13 -5.67
N GLU B 338 8.91 -9.72 -6.39
CA GLU B 338 9.10 -9.41 -7.80
C GLU B 338 9.75 -10.62 -8.45
N ALA B 339 9.87 -10.59 -9.78
CA ALA B 339 10.54 -11.66 -10.50
C ALA B 339 11.98 -11.78 -10.03
N PRO B 340 12.55 -13.00 -10.07
CA PRO B 340 11.92 -14.22 -10.56
C PRO B 340 11.35 -15.06 -9.43
N TYR B 341 10.26 -15.78 -9.71
CA TYR B 341 9.62 -16.57 -8.67
C TYR B 341 10.08 -18.03 -8.68
N LEU B 342 10.53 -18.50 -7.52
CA LEU B 342 11.00 -19.89 -7.36
C LEU B 342 9.77 -20.80 -7.22
N VAL B 343 9.14 -21.07 -8.36
CA VAL B 343 7.85 -21.75 -8.39
C VAL B 343 7.81 -22.75 -9.56
N ARG B 344 7.10 -23.84 -9.38
CA ARG B 344 6.93 -24.83 -10.43
C ARG B 344 6.36 -24.17 -11.68
N GLY B 345 6.89 -24.52 -12.84
CA GLY B 345 6.39 -23.97 -14.09
C GLY B 345 7.17 -22.75 -14.56
N ASN B 346 8.00 -22.19 -13.69
CA ASN B 346 8.82 -21.06 -14.10
C ASN B 346 10.18 -21.55 -14.63
N ARG B 347 10.35 -21.45 -15.93
CA ARG B 347 11.54 -21.95 -16.58
C ARG B 347 12.64 -20.89 -16.66
N GLN B 348 12.35 -19.68 -16.18
CA GLN B 348 13.36 -18.62 -16.10
C GLN B 348 14.66 -19.11 -15.49
N PRO B 349 15.78 -19.03 -16.23
CA PRO B 349 17.08 -19.40 -15.65
C PRO B 349 17.57 -18.30 -14.72
N LEU B 350 18.12 -18.70 -13.59
CA LEU B 350 18.75 -17.75 -12.71
C LEU B 350 20.06 -17.28 -13.31
N GLN B 351 20.34 -15.99 -13.18
CA GLN B 351 21.60 -15.45 -13.68
C GLN B 351 22.26 -14.57 -12.63
N PRO B 352 23.57 -14.34 -12.74
CA PRO B 352 24.25 -13.59 -11.67
C PRO B 352 23.56 -12.27 -11.36
N GLY B 353 23.37 -11.98 -10.08
CA GLY B 353 22.72 -10.74 -9.68
C GLY B 353 21.28 -10.89 -9.27
N MET B 354 20.61 -11.94 -9.75
CA MET B 354 19.22 -12.11 -9.37
C MET B 354 19.12 -12.37 -7.87
N CYS B 355 18.06 -11.83 -7.26
CA CYS B 355 17.85 -11.99 -5.82
C CYS B 355 16.55 -12.71 -5.55
N ALA B 356 16.57 -13.70 -4.66
CA ALA B 356 15.32 -14.38 -4.32
C ALA B 356 15.33 -14.88 -2.87
N SER B 357 14.13 -15.02 -2.31
CA SER B 357 13.95 -15.64 -0.99
C SER B 357 14.10 -17.16 -1.10
N ASN B 358 14.42 -17.79 0.03
CA ASN B 358 14.45 -19.25 0.10
C ASN B 358 13.67 -19.60 1.36
N GLU B 359 12.39 -19.90 1.20
CA GLU B 359 11.54 -20.10 2.36
C GLU B 359 10.58 -21.25 2.17
N PRO B 360 11.10 -22.49 2.09
CA PRO B 360 10.22 -23.62 1.80
C PRO B 360 9.49 -24.09 3.06
N MET B 361 8.62 -23.24 3.59
CA MET B 361 7.94 -23.51 4.85
C MET B 361 7.22 -24.86 4.87
N ILE B 362 7.35 -25.59 5.97
CA ILE B 362 6.60 -26.82 6.14
C ILE B 362 5.39 -26.52 7.03
N VAL B 363 4.21 -26.93 6.58
CA VAL B 363 2.99 -26.76 7.37
C VAL B 363 2.57 -28.14 7.84
N VAL B 364 2.26 -28.25 9.13
CA VAL B 364 1.75 -29.51 9.68
C VAL B 364 0.36 -29.22 10.22
N PRO B 365 -0.69 -29.47 9.42
CA PRO B 365 -2.04 -28.99 9.76
C PRO B 365 -2.48 -29.36 11.16
N GLY B 366 -3.08 -28.39 11.85
CA GLY B 366 -3.54 -28.61 13.21
C GLY B 366 -2.44 -28.64 14.26
N ALA B 367 -1.18 -28.62 13.83
CA ALA B 367 -0.10 -28.72 14.79
C ALA B 367 0.73 -27.44 14.84
N PHE B 368 1.48 -27.20 13.78
CA PHE B 368 2.39 -26.06 13.73
C PHE B 368 2.96 -25.93 12.34
N GLY B 369 3.78 -24.90 12.15
CA GLY B 369 4.50 -24.74 10.91
C GLY B 369 5.90 -24.30 11.22
N VAL B 370 6.82 -24.62 10.32
CA VAL B 370 8.19 -24.17 10.49
C VAL B 370 8.63 -23.48 9.22
N ALA B 371 8.94 -22.19 9.33
CA ALA B 371 9.42 -21.41 8.21
C ALA B 371 10.80 -20.84 8.51
N LEU B 372 11.75 -21.15 7.64
CA LEU B 372 13.04 -20.49 7.70
C LEU B 372 13.13 -19.70 6.40
N GLU B 373 13.46 -18.42 6.49
CA GLU B 373 13.59 -17.64 5.25
C GLU B 373 14.84 -16.78 5.30
N ASP B 374 15.68 -16.97 4.30
CA ASP B 374 16.83 -16.12 4.08
C ASP B 374 16.88 -15.90 2.60
N HIS B 375 17.35 -14.73 2.16
CA HIS B 375 17.46 -14.47 0.72
C HIS B 375 18.90 -14.68 0.25
N PHE B 376 19.05 -14.85 -1.07
CA PHE B 376 20.34 -15.08 -1.67
C PHE B 376 20.44 -14.26 -2.96
N TYR B 377 21.66 -14.03 -3.42
CA TYR B 377 21.78 -13.58 -4.78
C TYR B 377 22.65 -14.56 -5.53
N VAL B 378 22.42 -14.65 -6.84
CA VAL B 378 23.15 -15.57 -7.71
C VAL B 378 24.51 -14.97 -8.03
N THR B 379 25.53 -15.81 -7.99
CA THR B 379 26.87 -15.39 -8.38
C THR B 379 27.27 -16.06 -9.69
N ASP B 380 28.51 -15.86 -10.12
CA ASP B 380 28.96 -16.42 -11.38
C ASP B 380 28.97 -17.95 -11.37
N THR B 381 29.18 -18.50 -10.18
CA THR B 381 29.36 -19.93 -10.05
C THR B 381 28.29 -20.59 -9.20
N GLY B 382 27.55 -19.78 -8.44
CA GLY B 382 26.61 -20.33 -7.48
C GLY B 382 25.70 -19.28 -6.89
N ALA B 383 25.72 -19.18 -5.57
CA ALA B 383 24.85 -18.27 -4.86
C ALA B 383 25.53 -17.73 -3.61
N GLN B 384 25.02 -16.61 -3.12
CA GLN B 384 25.53 -16.03 -1.88
C GLN B 384 24.36 -15.68 -0.97
N TRP B 385 24.37 -16.15 0.27
CA TRP B 385 23.33 -15.76 1.21
C TRP B 385 23.46 -14.29 1.56
N PHE B 386 22.34 -13.57 1.66
CA PHE B 386 22.34 -12.25 2.30
C PHE B 386 22.50 -12.42 3.80
N THR B 387 21.81 -13.42 4.34
CA THR B 387 21.94 -13.73 5.76
C THR B 387 22.15 -15.23 5.89
N PRO B 388 23.02 -15.63 6.81
CA PRO B 388 23.24 -17.07 7.02
C PRO B 388 22.04 -17.73 7.67
N PRO B 389 21.70 -18.94 7.21
CA PRO B 389 20.60 -19.75 7.70
C PRO B 389 20.75 -20.09 9.16
N SER B 390 19.64 -20.43 9.80
CA SER B 390 19.65 -20.86 11.19
C SER B 390 20.43 -22.16 11.39
N VAL B 391 20.74 -22.45 12.64
CA VAL B 391 21.58 -23.58 12.97
C VAL B 391 20.76 -24.72 13.59
N ALA B 392 19.90 -24.37 14.55
CA ALA B 392 19.05 -25.35 15.21
C ALA B 392 17.72 -24.74 15.62
N ILE B 393 16.79 -25.59 16.04
CA ILE B 393 15.48 -25.16 16.49
C ILE B 393 15.56 -24.18 17.67
N ASP B 394 16.65 -24.28 18.43
CA ASP B 394 16.87 -23.37 19.55
C ASP B 394 18.11 -22.53 19.36
N GLN B 395 18.64 -22.54 18.13
CA GLN B 395 19.67 -21.58 17.73
C GLN B 395 19.29 -20.95 16.38
N PRO B 396 18.44 -19.92 16.42
CA PRO B 396 17.95 -19.33 15.18
C PRO B 396 19.05 -18.58 14.42
N PHE B 397 20.17 -18.27 15.06
CA PHE B 397 21.16 -17.44 14.35
C PHE B 397 22.56 -18.06 14.28
N ALA B 398 23.09 -18.11 13.08
CA ALA B 398 24.44 -18.61 12.84
C ALA B 398 25.47 -17.66 13.46
S SO4 C . -5.64 15.00 -2.00
O1 SO4 C . -6.27 14.25 -0.91
O2 SO4 C . -6.68 15.51 -2.89
O3 SO4 C . -4.73 14.17 -2.77
O4 SO4 C . -4.88 16.09 -1.37
ZN ZN D . -6.43 14.78 4.09
ZN ZN E . -8.54 14.47 1.84
ZN ZN F . 1.15 13.43 -3.64
S SO4 G . 4.93 -15.14 0.26
O1 SO4 G . 3.56 -14.70 0.01
O2 SO4 G . 4.89 -16.17 1.31
O3 SO4 G . 5.53 -15.70 -0.94
O4 SO4 G . 5.75 -14.02 0.73
S SO4 H . -8.49 -4.81 -25.14
O1 SO4 H . -9.42 -4.98 -24.01
O2 SO4 H . -9.16 -5.05 -26.42
O3 SO4 H . -7.40 -5.78 -25.05
O4 SO4 H . -7.96 -3.47 -25.11
ZN ZN I . 9.58 -13.79 1.52
ZN ZN J . 9.15 -13.24 4.53
ZN ZN K . -1.54 -13.60 2.54
ZN ZN L . -5.42 9.75 -4.22
#